data_2RG7
#
_entry.id   2RG7
#
_cell.length_a   54.817
_cell.length_b   73.280
_cell.length_c   72.380
_cell.angle_alpha   71.44
_cell.angle_beta   77.80
_cell.angle_gamma   89.90
#
_symmetry.space_group_name_H-M   'P 1'
#
loop_
_entity.id
_entity.type
_entity.pdbx_description
1 polymer 'Periplasmic HEME binding protein'
2 water water
#
_entity_poly.entity_id   1
_entity_poly.type   'polypeptide(L)'
_entity_poly.pdbx_seq_one_letter_code
;AAERIVVAGGSLTELIYAMGAGERVVGVDETTSYPPETAKLPHIGYWKQLSSEGILSLRPDSVITWQDAGPQIVLDQLRA
QKVNVVTLPRVPATLEQMYANIRQLAKTLQVPEQGDALVTQINQRLERVQQNVAAKKAPVKAMFILSAGGSAPQVAGKGS
VADAILSLAGAENVATHQQYKSYSAESLIAANPEVIVVTSQMVDGDINRLRSIAGITHTAAWKNQRIITVDQNLILGMGP
RIADVVESLHQQLWPQ
;
_entity_poly.pdbx_strand_id   A,B,C,D
#
# COMPACT_ATOMS: atom_id res chain seq x y z
N ALA A 2 49.87 7.15 9.72
CA ALA A 2 49.77 8.14 10.83
C ALA A 2 49.58 9.55 10.29
N GLU A 3 50.01 9.76 9.05
CA GLU A 3 49.89 11.07 8.39
C GLU A 3 48.58 11.09 7.59
N ARG A 4 48.33 9.99 6.90
CA ARG A 4 47.10 9.81 6.11
C ARG A 4 46.42 8.60 6.72
N ILE A 5 45.29 8.82 7.39
CA ILE A 5 44.56 7.76 8.07
C ILE A 5 43.21 7.40 7.46
N VAL A 6 42.96 6.09 7.34
CA VAL A 6 41.68 5.58 6.85
C VAL A 6 41.07 4.87 8.05
N VAL A 7 39.92 5.36 8.53
CA VAL A 7 39.27 4.76 9.69
C VAL A 7 38.06 3.91 9.31
N ALA A 8 38.03 2.68 9.80
CA ALA A 8 36.90 1.80 9.54
C ALA A 8 36.21 1.51 10.87
N GLY A 9 35.15 2.26 11.16
CA GLY A 9 34.41 2.10 12.40
C GLY A 9 33.93 3.47 12.86
N GLY A 10 32.64 3.72 12.71
CA GLY A 10 32.06 5.01 13.07
C GLY A 10 32.47 5.67 14.37
N SER A 11 32.35 4.94 15.47
CA SER A 11 32.72 5.50 16.77
C SER A 11 34.21 5.81 16.81
N LEU A 12 35.02 5.02 16.13
CA LEU A 12 36.45 5.27 16.13
C LEU A 12 36.74 6.60 15.42
N THR A 13 35.97 6.88 14.36
CA THR A 13 36.15 8.13 13.63
C THR A 13 35.82 9.32 14.52
N GLU A 14 34.74 9.20 15.29
CA GLU A 14 34.33 10.26 16.21
C GLU A 14 35.39 10.50 17.28
N LEU A 15 35.92 9.42 17.85
CA LEU A 15 36.94 9.56 18.88
C LEU A 15 38.16 10.28 18.30
N ILE A 16 38.56 9.89 17.09
CA ILE A 16 39.71 10.50 16.46
C ILE A 16 39.48 11.99 16.26
N TYR A 17 38.31 12.37 15.77
CA TYR A 17 38.02 13.78 15.57
C TYR A 17 37.96 14.54 16.88
N ALA A 18 37.29 13.97 17.88
CA ALA A 18 37.18 14.62 19.17
C ALA A 18 38.57 14.82 19.79
N MET A 19 39.52 13.94 19.48
CA MET A 19 40.86 14.07 20.03
C MET A 19 41.75 15.02 19.23
N GLY A 20 41.15 15.78 18.31
CA GLY A 20 41.89 16.73 17.52
C GLY A 20 42.74 16.21 16.35
N ALA A 21 42.50 14.98 15.91
CA ALA A 21 43.28 14.43 14.79
C ALA A 21 42.48 14.24 13.51
N GLY A 22 41.29 14.83 13.43
CA GLY A 22 40.44 14.69 12.27
C GLY A 22 41.08 15.06 10.94
N GLU A 23 42.08 15.94 11.00
CA GLU A 23 42.77 16.39 9.79
C GLU A 23 43.50 15.27 9.06
N ARG A 24 44.03 14.31 9.81
CA ARG A 24 44.76 13.21 9.19
C ARG A 24 43.88 12.17 8.52
N VAL A 25 42.57 12.30 8.66
CA VAL A 25 41.64 11.34 8.06
C VAL A 25 41.45 11.60 6.57
N VAL A 26 41.67 10.57 5.75
CA VAL A 26 41.51 10.69 4.30
C VAL A 26 40.38 9.79 3.78
N GLY A 27 39.93 8.87 4.63
CA GLY A 27 38.86 7.98 4.22
C GLY A 27 38.19 7.35 5.43
N VAL A 28 36.87 7.15 5.34
CA VAL A 28 36.13 6.53 6.42
C VAL A 28 35.29 5.39 5.86
N ASP A 29 34.63 4.65 6.74
CA ASP A 29 33.83 3.52 6.31
C ASP A 29 32.35 3.90 6.23
N GLU A 30 31.55 2.94 5.79
CA GLU A 30 30.12 3.18 5.66
C GLU A 30 29.42 3.49 6.96
N THR A 31 29.93 2.99 8.09
CA THR A 31 29.28 3.25 9.36
C THR A 31 29.66 4.61 9.93
N THR A 32 30.48 5.35 9.19
CA THR A 32 30.88 6.67 9.64
C THR A 32 29.87 7.67 9.07
N SER A 33 29.28 8.47 9.95
CA SER A 33 28.32 9.47 9.52
C SER A 33 28.46 10.75 10.35
N TYR A 34 29.38 10.74 11.29
CA TYR A 34 29.60 11.89 12.16
C TYR A 34 31.10 11.95 12.48
N PRO A 35 31.66 13.15 12.61
CA PRO A 35 30.95 14.44 12.47
C PRO A 35 30.67 14.80 11.00
N PRO A 36 29.91 15.89 10.77
CA PRO A 36 29.57 16.35 9.42
C PRO A 36 30.72 16.58 8.44
N GLU A 37 31.90 16.93 8.93
CA GLU A 37 33.04 17.18 8.05
C GLU A 37 33.58 15.92 7.38
N THR A 38 33.10 14.75 7.81
CA THR A 38 33.54 13.50 7.22
C THR A 38 32.72 13.17 5.96
N ALA A 39 31.60 13.85 5.78
CA ALA A 39 30.72 13.61 4.64
C ALA A 39 31.41 13.78 3.28
N LYS A 40 32.32 14.75 3.20
CA LYS A 40 33.04 15.03 1.96
C LYS A 40 34.13 14.02 1.67
N LEU A 41 34.41 13.16 2.64
CA LEU A 41 35.45 12.17 2.48
C LEU A 41 34.98 10.90 1.77
N PRO A 42 35.94 10.17 1.17
CA PRO A 42 35.65 8.92 0.46
C PRO A 42 35.25 7.86 1.50
N HIS A 43 34.22 7.09 1.19
CA HIS A 43 33.76 6.04 2.09
C HIS A 43 33.96 4.67 1.47
N ILE A 44 34.47 3.73 2.25
CA ILE A 44 34.66 2.37 1.78
C ILE A 44 33.46 1.57 2.27
N GLY A 45 33.56 0.24 2.25
CA GLY A 45 32.44 -0.58 2.67
C GLY A 45 32.32 -0.81 4.16
N TYR A 46 31.47 -1.77 4.53
CA TYR A 46 31.27 -2.12 5.94
C TYR A 46 32.61 -2.63 6.46
N TRP A 47 33.01 -2.19 7.65
CA TRP A 47 34.30 -2.59 8.19
C TRP A 47 34.47 -4.09 8.28
N LYS A 48 33.41 -4.83 8.01
CA LYS A 48 33.48 -6.29 8.08
C LYS A 48 33.64 -6.87 6.67
N GLN A 49 33.45 -6.01 5.67
CA GLN A 49 33.59 -6.40 4.27
C GLN A 49 34.48 -5.40 3.55
N LEU A 50 35.73 -5.32 3.99
CA LEU A 50 36.69 -4.40 3.40
C LEU A 50 37.30 -4.94 2.10
N SER A 51 37.76 -4.03 1.25
CA SER A 51 38.38 -4.39 -0.02
C SER A 51 39.72 -3.68 -0.08
N SER A 52 40.79 -4.43 -0.39
CA SER A 52 42.11 -3.85 -0.46
C SER A 52 42.09 -2.68 -1.44
N GLU A 53 41.39 -2.89 -2.55
CA GLU A 53 41.27 -1.87 -3.57
C GLU A 53 40.76 -0.53 -3.04
N GLY A 54 39.60 -0.56 -2.41
CA GLY A 54 38.99 0.66 -1.89
C GLY A 54 39.84 1.44 -0.90
N ILE A 55 40.66 0.74 -0.13
CA ILE A 55 41.51 1.41 0.84
C ILE A 55 42.83 1.86 0.25
N LEU A 56 43.52 0.95 -0.44
CA LEU A 56 44.80 1.30 -1.03
C LEU A 56 44.74 2.49 -1.99
N SER A 57 43.65 2.60 -2.74
CA SER A 57 43.52 3.71 -3.68
C SER A 57 43.59 5.06 -2.98
N LEU A 58 43.46 5.05 -1.67
CA LEU A 58 43.50 6.29 -0.90
C LEU A 58 44.87 6.59 -0.29
N ARG A 59 45.89 5.84 -0.71
CA ARG A 59 47.25 6.07 -0.19
C ARG A 59 47.29 6.25 1.33
N PRO A 60 46.79 5.27 2.09
CA PRO A 60 46.82 5.41 3.55
C PRO A 60 48.17 4.96 4.15
N ASP A 61 48.54 5.60 5.26
CA ASP A 61 49.77 5.23 5.97
C ASP A 61 49.35 4.20 7.01
N SER A 62 48.18 4.44 7.60
CA SER A 62 47.65 3.55 8.61
C SER A 62 46.14 3.37 8.48
N VAL A 63 45.68 2.17 8.78
CA VAL A 63 44.27 1.84 8.77
C VAL A 63 43.88 1.55 10.23
N ILE A 64 42.94 2.32 10.75
CA ILE A 64 42.49 2.12 12.12
C ILE A 64 41.09 1.50 12.11
N THR A 65 40.97 0.32 12.71
CA THR A 65 39.70 -0.37 12.74
C THR A 65 39.63 -1.41 13.87
N TRP A 66 38.54 -2.17 13.90
CA TRP A 66 38.33 -3.19 14.93
C TRP A 66 39.08 -4.51 14.68
N GLN A 67 39.53 -5.15 15.76
CA GLN A 67 40.27 -6.41 15.66
C GLN A 67 39.56 -7.47 14.84
N ASP A 68 38.26 -7.32 14.66
CA ASP A 68 37.50 -8.30 13.89
C ASP A 68 36.97 -7.71 12.57
N ALA A 69 37.60 -6.63 12.15
CA ALA A 69 37.23 -5.94 10.92
C ALA A 69 37.68 -6.66 9.66
N GLY A 70 36.98 -6.34 8.57
CA GLY A 70 37.23 -6.87 7.23
C GLY A 70 37.80 -8.26 7.04
N PRO A 71 37.72 -8.80 5.82
CA PRO A 71 38.26 -10.14 5.57
C PRO A 71 39.73 -10.16 5.97
N GLN A 72 40.20 -11.28 6.51
CA GLN A 72 41.59 -11.36 6.92
C GLN A 72 42.53 -11.28 5.72
N ILE A 73 42.05 -11.70 4.56
CA ILE A 73 42.89 -11.66 3.35
C ILE A 73 43.21 -10.22 2.99
N VAL A 74 42.26 -9.32 3.22
CA VAL A 74 42.44 -7.91 2.93
C VAL A 74 43.47 -7.27 3.85
N LEU A 75 43.32 -7.49 5.16
CA LEU A 75 44.24 -6.93 6.13
C LEU A 75 45.66 -7.38 5.78
N ASP A 76 45.79 -8.64 5.36
CA ASP A 76 47.09 -9.18 4.97
C ASP A 76 47.60 -8.47 3.73
N GLN A 77 46.68 -8.10 2.84
CA GLN A 77 47.07 -7.41 1.62
C GLN A 77 47.49 -6.00 2.01
N LEU A 78 46.80 -5.42 2.97
CA LEU A 78 47.13 -4.06 3.43
C LEU A 78 48.48 -4.07 4.10
N ARG A 79 48.77 -5.17 4.81
CA ARG A 79 50.03 -5.29 5.51
C ARG A 79 51.15 -5.47 4.50
N ALA A 80 50.87 -6.20 3.42
CA ALA A 80 51.87 -6.44 2.38
C ALA A 80 52.30 -5.11 1.74
N GLN A 81 51.39 -4.14 1.72
CA GLN A 81 51.70 -2.83 1.16
C GLN A 81 52.35 -1.95 2.21
N LYS A 82 52.75 -2.58 3.31
CA LYS A 82 53.39 -1.86 4.41
C LYS A 82 52.50 -0.75 4.96
N VAL A 83 51.21 -1.03 5.05
CA VAL A 83 50.26 -0.08 5.59
C VAL A 83 50.12 -0.43 7.08
N ASN A 84 50.24 0.57 7.94
CA ASN A 84 50.15 0.35 9.39
C ASN A 84 48.70 0.10 9.85
N VAL A 85 48.35 -1.17 10.06
CA VAL A 85 47.01 -1.52 10.52
C VAL A 85 46.92 -1.57 12.04
N VAL A 86 46.08 -0.69 12.60
CA VAL A 86 45.88 -0.59 14.04
C VAL A 86 44.48 -1.13 14.39
N THR A 87 44.41 -2.12 15.29
CA THR A 87 43.13 -2.68 15.67
C THR A 87 42.80 -2.51 17.15
N LEU A 88 41.54 -2.23 17.45
CA LEU A 88 41.11 -2.07 18.81
C LEU A 88 40.02 -3.09 19.14
N PRO A 89 39.97 -3.53 20.41
CA PRO A 89 38.96 -4.50 20.82
C PRO A 89 37.59 -3.82 20.81
N ARG A 90 36.64 -4.42 20.15
CA ARG A 90 35.30 -3.87 20.06
C ARG A 90 34.36 -4.59 21.01
N VAL A 91 34.55 -5.91 21.12
CA VAL A 91 33.73 -6.80 21.93
C VAL A 91 33.35 -6.41 23.35
N PRO A 92 34.33 -6.11 24.21
CA PRO A 92 33.78 -5.74 25.53
C PRO A 92 33.13 -4.38 25.41
N ALA A 93 31.81 -4.35 25.24
CA ALA A 93 31.12 -3.07 25.15
C ALA A 93 30.99 -2.49 26.56
N THR A 94 32.12 -2.05 27.11
CA THR A 94 32.12 -1.49 28.46
C THR A 94 32.90 -0.18 28.48
N LEU A 95 32.66 0.61 29.52
CA LEU A 95 33.35 1.88 29.68
C LEU A 95 34.85 1.65 29.87
N GLU A 96 35.21 0.53 30.50
CA GLU A 96 36.62 0.25 30.72
C GLU A 96 37.30 0.09 29.35
N GLN A 97 36.72 -0.75 28.50
CA GLN A 97 37.29 -0.98 27.18
C GLN A 97 37.30 0.30 26.35
N MET A 98 36.25 1.11 26.49
CA MET A 98 36.16 2.37 25.75
C MET A 98 37.34 3.29 26.14
N TYR A 99 37.52 3.50 27.44
CA TYR A 99 38.62 4.34 27.93
C TYR A 99 39.96 3.76 27.50
N ALA A 100 40.08 2.44 27.57
CA ALA A 100 41.31 1.79 27.16
C ALA A 100 41.52 2.05 25.67
N ASN A 101 40.43 2.12 24.90
CA ASN A 101 40.53 2.37 23.46
C ASN A 101 40.89 3.84 23.18
N ILE A 102 40.32 4.75 23.96
CA ILE A 102 40.60 6.17 23.79
C ILE A 102 42.09 6.44 24.04
N ARG A 103 42.66 5.71 25.00
CA ARG A 103 44.07 5.88 25.31
C ARG A 103 44.96 5.24 24.26
N GLN A 104 44.60 4.05 23.79
CA GLN A 104 45.38 3.36 22.77
C GLN A 104 45.43 4.24 21.52
N LEU A 105 44.28 4.84 21.21
CA LEU A 105 44.13 5.69 20.04
C LEU A 105 44.99 6.96 20.20
N ALA A 106 44.86 7.62 21.34
CA ALA A 106 45.62 8.84 21.59
C ALA A 106 47.12 8.55 21.54
N LYS A 107 47.47 7.29 21.85
CA LYS A 107 48.86 6.84 21.84
C LYS A 107 49.32 6.81 20.39
N THR A 108 48.62 6.03 19.58
CA THR A 108 48.94 5.89 18.16
C THR A 108 48.88 7.24 17.43
N LEU A 109 48.07 8.15 17.94
CA LEU A 109 47.91 9.48 17.33
C LEU A 109 48.82 10.54 17.94
N GLN A 110 49.62 10.13 18.91
CA GLN A 110 50.53 11.05 19.56
C GLN A 110 49.77 12.25 20.13
N VAL A 111 48.62 11.97 20.74
CA VAL A 111 47.81 13.02 21.35
C VAL A 111 47.33 12.56 22.73
N PRO A 112 48.25 12.06 23.56
CA PRO A 112 47.92 11.58 24.91
C PRO A 112 47.11 12.50 25.81
N GLU A 113 47.49 13.76 25.93
CA GLU A 113 46.76 14.66 26.81
C GLU A 113 45.32 14.82 26.37
N GLN A 114 45.07 14.72 25.06
CA GLN A 114 43.72 14.84 24.55
C GLN A 114 42.90 13.61 24.95
N GLY A 115 43.53 12.45 24.90
CA GLY A 115 42.84 11.22 25.27
C GLY A 115 42.41 11.27 26.73
N ASP A 116 43.34 11.62 27.60
CA ASP A 116 43.02 11.67 29.02
C ASP A 116 41.96 12.71 29.32
N ALA A 117 42.01 13.82 28.58
CA ALA A 117 41.03 14.87 28.77
C ALA A 117 39.63 14.35 28.35
N LEU A 118 39.59 13.56 27.28
CA LEU A 118 38.30 13.02 26.83
C LEU A 118 37.71 12.02 27.84
N VAL A 119 38.53 11.10 28.32
CA VAL A 119 38.06 10.09 29.29
C VAL A 119 37.48 10.79 30.51
N THR A 120 38.17 11.84 30.96
CA THR A 120 37.74 12.60 32.13
C THR A 120 36.41 13.31 31.94
N GLN A 121 36.22 13.93 30.78
CA GLN A 121 34.99 14.67 30.55
C GLN A 121 33.81 13.71 30.45
N ILE A 122 34.04 12.56 29.82
CA ILE A 122 33.00 11.56 29.67
C ILE A 122 32.63 10.95 31.02
N ASN A 123 33.62 10.48 31.76
CA ASN A 123 33.35 9.87 33.05
C ASN A 123 32.62 10.77 34.02
N GLN A 124 32.99 12.06 34.08
CA GLN A 124 32.33 13.01 34.98
C GLN A 124 30.83 13.12 34.71
N ARG A 125 30.46 13.15 33.44
CA ARG A 125 29.06 13.28 33.05
C ARG A 125 28.27 12.01 33.25
N LEU A 126 28.91 10.86 33.07
CA LEU A 126 28.22 9.59 33.27
C LEU A 126 28.02 9.34 34.76
N GLU A 127 29.05 9.60 35.56
CA GLU A 127 28.91 9.42 37.00
C GLU A 127 27.77 10.29 37.54
N ARG A 128 27.66 11.51 37.02
CA ARG A 128 26.61 12.41 37.47
C ARG A 128 25.23 11.85 37.19
N VAL A 129 25.06 11.19 36.04
CA VAL A 129 23.77 10.60 35.73
C VAL A 129 23.57 9.44 36.71
N GLN A 130 24.65 8.74 36.99
CA GLN A 130 24.61 7.61 37.90
C GLN A 130 24.13 7.96 39.30
N GLN A 131 24.54 9.13 39.79
CA GLN A 131 24.10 9.55 41.11
C GLN A 131 22.69 10.11 41.08
N ASN A 132 22.28 10.64 39.92
CA ASN A 132 20.94 11.17 39.76
C ASN A 132 19.97 9.98 39.69
N VAL A 133 20.47 8.86 39.16
CA VAL A 133 19.69 7.64 39.04
C VAL A 133 19.38 7.09 40.42
N ALA A 134 20.39 7.05 41.28
CA ALA A 134 20.23 6.55 42.64
C ALA A 134 19.21 7.41 43.36
N ALA A 135 19.06 8.64 42.89
CA ALA A 135 18.12 9.59 43.47
C ALA A 135 16.69 9.16 43.13
N LYS A 136 16.55 8.33 42.11
CA LYS A 136 15.23 7.85 41.69
C LYS A 136 14.59 7.01 42.79
N LYS A 137 13.38 6.51 42.53
CA LYS A 137 12.67 5.73 43.53
C LYS A 137 11.92 4.54 42.94
N ALA A 138 12.23 4.20 41.69
CA ALA A 138 11.57 3.08 41.02
C ALA A 138 12.32 2.64 39.75
N PRO A 139 12.80 1.39 39.73
CA PRO A 139 13.55 0.81 38.60
C PRO A 139 12.69 0.69 37.33
N VAL A 140 13.33 0.79 36.17
CA VAL A 140 12.60 0.70 34.90
C VAL A 140 13.11 -0.39 33.98
N LYS A 141 12.19 -1.28 33.59
CA LYS A 141 12.49 -2.39 32.70
C LYS A 141 12.38 -1.90 31.26
N ALA A 142 13.48 -1.99 30.52
CA ALA A 142 13.48 -1.52 29.14
C ALA A 142 14.03 -2.53 28.13
N MET A 143 13.88 -2.17 26.87
CA MET A 143 14.33 -2.99 25.76
C MET A 143 14.62 -2.11 24.56
N PHE A 144 15.67 -2.43 23.82
CA PHE A 144 16.00 -1.66 22.64
C PHE A 144 15.82 -2.55 21.41
N ILE A 145 15.06 -2.07 20.43
CA ILE A 145 14.80 -2.80 19.19
C ILE A 145 15.40 -2.03 18.03
N LEU A 146 16.21 -2.73 17.24
CA LEU A 146 16.91 -2.12 16.11
C LEU A 146 16.66 -2.82 14.77
N SER A 147 16.83 -2.07 13.70
CA SER A 147 16.73 -2.58 12.33
C SER A 147 18.09 -2.24 11.74
N ALA A 148 18.94 -3.26 11.58
CA ALA A 148 20.30 -3.05 11.05
C ALA A 148 20.45 -3.56 9.63
N GLY A 149 21.05 -2.75 8.78
CA GLY A 149 21.21 -3.14 7.39
C GLY A 149 19.82 -3.45 6.89
N GLY A 150 19.68 -4.54 6.13
CA GLY A 150 18.38 -4.91 5.62
C GLY A 150 17.84 -6.07 6.44
N SER A 151 18.11 -6.08 7.74
CA SER A 151 17.64 -7.17 8.59
C SER A 151 16.32 -6.87 9.28
N ALA A 152 15.70 -7.93 9.79
CA ALA A 152 14.43 -7.83 10.50
C ALA A 152 14.64 -7.20 11.87
N PRO A 153 13.55 -6.75 12.52
CA PRO A 153 13.68 -6.13 13.84
C PRO A 153 14.41 -7.06 14.82
N GLN A 154 15.36 -6.54 15.57
CA GLN A 154 16.09 -7.37 16.52
C GLN A 154 16.26 -6.69 17.87
N VAL A 155 16.21 -7.49 18.92
CA VAL A 155 16.34 -7.00 20.29
C VAL A 155 17.78 -7.01 20.78
N ALA A 156 18.23 -5.87 21.32
CA ALA A 156 19.59 -5.74 21.83
C ALA A 156 19.75 -6.51 23.13
N GLY A 157 20.67 -7.47 23.12
CA GLY A 157 20.91 -8.28 24.29
C GLY A 157 22.20 -7.91 24.97
N LYS A 158 22.67 -8.82 25.82
CA LYS A 158 23.90 -8.62 26.58
C LYS A 158 25.14 -8.46 25.71
N GLY A 159 26.05 -7.61 26.17
CA GLY A 159 27.27 -7.40 25.42
C GLY A 159 27.13 -6.40 24.29
N SER A 160 25.92 -5.96 24.00
CA SER A 160 25.72 -5.01 22.92
C SER A 160 25.95 -3.59 23.41
N VAL A 161 26.25 -2.67 22.48
CA VAL A 161 26.47 -1.28 22.85
C VAL A 161 25.18 -0.73 23.44
N ALA A 162 24.06 -0.99 22.77
CA ALA A 162 22.77 -0.51 23.23
C ALA A 162 22.48 -0.93 24.68
N ASP A 163 22.82 -2.17 25.03
CA ASP A 163 22.56 -2.64 26.38
C ASP A 163 23.43 -1.91 27.39
N ALA A 164 24.63 -1.54 26.99
CA ALA A 164 25.54 -0.81 27.88
C ALA A 164 24.97 0.59 28.13
N ILE A 165 24.42 1.19 27.07
CA ILE A 165 23.84 2.53 27.20
C ILE A 165 22.56 2.54 28.03
N LEU A 166 21.70 1.53 27.87
CA LEU A 166 20.47 1.47 28.67
C LEU A 166 20.85 1.38 30.14
N SER A 167 21.87 0.59 30.43
CA SER A 167 22.33 0.41 31.81
C SER A 167 22.86 1.73 32.36
N LEU A 168 23.79 2.31 31.62
CA LEU A 168 24.35 3.59 32.03
C LEU A 168 23.23 4.59 32.28
N ALA A 169 22.16 4.47 31.51
CA ALA A 169 21.01 5.37 31.64
C ALA A 169 20.16 5.06 32.86
N GLY A 170 20.45 3.95 33.52
CA GLY A 170 19.70 3.58 34.70
C GLY A 170 18.55 2.62 34.50
N ALA A 171 18.35 2.13 33.28
CA ALA A 171 17.25 1.19 33.04
C ALA A 171 17.77 -0.24 33.12
N GLU A 172 16.87 -1.17 33.38
CA GLU A 172 17.26 -2.59 33.44
C GLU A 172 16.83 -3.21 32.11
N ASN A 173 17.75 -3.84 31.40
CA ASN A 173 17.41 -4.46 30.12
C ASN A 173 16.74 -5.81 30.35
N VAL A 174 15.52 -5.98 29.84
CA VAL A 174 14.83 -7.25 30.03
C VAL A 174 15.36 -8.40 29.19
N ALA A 175 16.04 -8.09 28.08
CA ALA A 175 16.59 -9.14 27.23
C ALA A 175 17.82 -9.72 27.91
N THR A 176 17.90 -11.04 27.98
CA THR A 176 19.04 -11.69 28.61
C THR A 176 19.91 -12.51 27.65
N HIS A 177 19.51 -12.55 26.38
CA HIS A 177 20.28 -13.27 25.37
C HIS A 177 21.51 -12.44 25.02
N GLN A 178 22.43 -13.03 24.26
CA GLN A 178 23.64 -12.36 23.85
C GLN A 178 23.48 -11.60 22.53
N GLN A 179 24.00 -10.38 22.49
CA GLN A 179 23.96 -9.54 21.30
C GLN A 179 22.55 -9.32 20.72
N TYR A 180 22.38 -9.44 19.42
CA TYR A 180 21.07 -9.20 18.79
C TYR A 180 20.33 -10.46 18.33
N LYS A 181 19.01 -10.48 18.54
CA LYS A 181 18.17 -11.61 18.15
C LYS A 181 16.74 -11.19 17.82
N SER A 182 16.17 -11.87 16.82
CA SER A 182 14.80 -11.59 16.41
C SER A 182 13.82 -12.22 17.37
N TYR A 183 12.90 -11.42 17.88
CA TYR A 183 11.88 -11.91 18.80
C TYR A 183 10.55 -12.12 18.10
N SER A 184 9.90 -13.23 18.41
CA SER A 184 8.58 -13.49 17.85
C SER A 184 7.68 -12.67 18.77
N ALA A 185 6.42 -12.49 18.37
CA ALA A 185 5.47 -11.71 19.16
C ALA A 185 5.36 -12.24 20.57
N GLU A 186 5.27 -13.56 20.71
CA GLU A 186 5.16 -14.19 22.03
C GLU A 186 6.36 -13.86 22.91
N SER A 187 7.56 -13.95 22.33
CA SER A 187 8.79 -13.64 23.07
C SER A 187 8.77 -12.20 23.55
N LEU A 188 8.38 -11.28 22.67
CA LEU A 188 8.33 -9.87 23.02
C LEU A 188 7.28 -9.66 24.12
N ILE A 189 6.14 -10.34 23.99
CA ILE A 189 5.07 -10.22 24.98
C ILE A 189 5.55 -10.79 26.31
N ALA A 190 6.33 -11.86 26.25
CA ALA A 190 6.88 -12.48 27.47
C ALA A 190 7.87 -11.54 28.13
N ALA A 191 8.75 -10.94 27.33
CA ALA A 191 9.75 -10.02 27.87
C ALA A 191 9.07 -8.98 28.75
N ASN A 192 7.88 -8.54 28.34
CA ASN A 192 7.08 -7.59 29.11
C ASN A 192 7.77 -6.25 29.43
N PRO A 193 8.40 -5.62 28.43
CA PRO A 193 9.07 -4.34 28.72
C PRO A 193 8.13 -3.18 29.09
N GLU A 194 8.46 -2.48 30.17
CA GLU A 194 7.67 -1.33 30.61
C GLU A 194 7.87 -0.25 29.55
N VAL A 195 9.11 -0.12 29.11
CA VAL A 195 9.50 0.88 28.13
C VAL A 195 10.24 0.25 26.97
N ILE A 196 10.04 0.78 25.77
CA ILE A 196 10.72 0.30 24.58
C ILE A 196 11.42 1.45 23.85
N VAL A 197 12.68 1.27 23.53
CA VAL A 197 13.44 2.29 22.80
C VAL A 197 13.68 1.77 21.38
N VAL A 198 13.54 2.65 20.39
CA VAL A 198 13.77 2.29 18.99
C VAL A 198 14.55 3.44 18.37
N THR A 199 14.88 3.34 17.08
CA THR A 199 15.63 4.43 16.46
C THR A 199 14.71 5.44 15.81
N SER A 200 15.20 6.67 15.68
CA SER A 200 14.44 7.73 15.06
C SER A 200 14.22 7.38 13.60
N GLN A 201 15.10 6.57 13.04
CA GLN A 201 14.98 6.13 11.64
C GLN A 201 13.81 5.17 11.49
N MET A 202 13.46 4.47 12.56
CA MET A 202 12.35 3.52 12.54
C MET A 202 11.02 4.23 12.66
N VAL A 203 10.97 5.28 13.47
CA VAL A 203 9.74 6.03 13.67
C VAL A 203 9.56 7.12 12.61
N ASP A 204 10.65 7.84 12.34
CA ASP A 204 10.62 8.95 11.38
C ASP A 204 9.27 9.62 11.39
N GLY A 205 8.53 9.48 10.30
CA GLY A 205 7.23 10.08 10.22
C GLY A 205 6.36 9.82 11.44
N ASP A 206 5.77 8.62 11.53
CA ASP A 206 4.91 8.28 12.66
C ASP A 206 5.14 6.87 13.21
N ILE A 207 4.96 6.74 14.52
CA ILE A 207 5.18 5.47 15.20
C ILE A 207 4.31 4.32 14.73
N ASN A 208 3.39 4.56 13.80
CA ASN A 208 2.56 3.49 13.30
C ASN A 208 3.38 2.61 12.37
N ARG A 209 4.53 3.11 11.95
CA ARG A 209 5.42 2.33 11.10
C ARG A 209 5.99 1.18 11.93
N LEU A 210 5.82 1.26 13.25
CA LEU A 210 6.33 0.23 14.16
C LEU A 210 5.44 -1.00 14.25
N ARG A 211 4.24 -0.93 13.68
CA ARG A 211 3.31 -2.05 13.74
C ARG A 211 3.76 -3.32 13.01
N SER A 212 4.81 -3.21 12.19
CA SER A 212 5.31 -4.38 11.48
C SER A 212 6.31 -5.16 12.35
N ILE A 213 6.54 -4.66 13.57
CA ILE A 213 7.44 -5.33 14.51
C ILE A 213 6.57 -6.32 15.27
N ALA A 214 6.87 -7.62 15.13
CA ALA A 214 6.08 -8.65 15.80
C ALA A 214 5.89 -8.45 17.32
N GLY A 215 4.63 -8.42 17.73
CA GLY A 215 4.27 -8.28 19.14
C GLY A 215 4.32 -6.91 19.80
N ILE A 216 4.90 -5.92 19.14
CA ILE A 216 5.01 -4.62 19.79
C ILE A 216 3.71 -3.98 20.27
N THR A 217 2.65 -4.05 19.47
CA THR A 217 1.38 -3.43 19.89
C THR A 217 0.72 -4.07 21.11
N HIS A 218 1.15 -5.28 21.45
CA HIS A 218 0.59 -5.96 22.63
C HIS A 218 1.41 -5.78 23.90
N THR A 219 2.52 -5.05 23.81
CA THR A 219 3.35 -4.82 24.98
C THR A 219 2.80 -3.65 25.80
N ALA A 220 3.18 -3.60 27.07
CA ALA A 220 2.77 -2.52 27.97
C ALA A 220 3.33 -1.19 27.48
N ALA A 221 4.59 -1.20 27.07
CA ALA A 221 5.25 0.01 26.59
C ALA A 221 4.42 0.69 25.52
N TRP A 222 3.86 -0.12 24.63
CA TRP A 222 3.05 0.41 23.54
C TRP A 222 1.70 0.92 24.06
N LYS A 223 1.00 0.08 24.81
CA LYS A 223 -0.30 0.47 25.34
C LYS A 223 -0.26 1.73 26.21
N ASN A 224 0.82 1.90 26.97
CA ASN A 224 0.94 3.09 27.84
C ASN A 224 1.72 4.24 27.19
N GLN A 225 2.05 4.09 25.91
CA GLN A 225 2.82 5.10 25.18
C GLN A 225 4.20 5.36 25.78
N ARG A 226 4.91 4.28 26.11
CA ARG A 226 6.25 4.41 26.67
C ARG A 226 7.27 3.94 25.63
N ILE A 227 7.21 4.55 24.45
CA ILE A 227 8.12 4.23 23.37
C ILE A 227 9.05 5.42 23.14
N ILE A 228 10.33 5.19 23.37
CA ILE A 228 11.35 6.23 23.22
C ILE A 228 12.12 6.09 21.91
N THR A 229 12.51 7.21 21.32
CA THR A 229 13.25 7.20 20.07
C THR A 229 14.68 7.62 20.33
N VAL A 230 15.60 7.14 19.50
CA VAL A 230 17.02 7.47 19.63
C VAL A 230 17.73 7.33 18.30
N ASP A 231 18.61 8.27 17.99
CA ASP A 231 19.36 8.23 16.75
C ASP A 231 20.21 6.95 16.70
N GLN A 232 20.05 6.19 15.62
CA GLN A 232 20.78 4.95 15.46
C GLN A 232 22.30 5.12 15.62
N ASN A 233 22.82 6.23 15.10
CA ASN A 233 24.25 6.52 15.15
C ASN A 233 24.81 6.80 16.55
N LEU A 234 23.92 6.93 17.53
CA LEU A 234 24.35 7.17 18.91
C LEU A 234 24.22 5.89 19.72
N ILE A 235 23.61 4.87 19.15
CA ILE A 235 23.38 3.64 19.89
C ILE A 235 24.12 2.40 19.38
N LEU A 236 24.89 2.56 18.32
CA LEU A 236 25.62 1.41 17.77
C LEU A 236 27.10 1.37 18.12
N GLY A 237 27.64 2.48 18.60
CA GLY A 237 29.05 2.52 18.96
C GLY A 237 29.24 3.33 20.23
N MET A 238 30.38 3.15 20.90
CA MET A 238 30.67 3.92 22.11
C MET A 238 31.60 5.07 21.74
N GLY A 239 31.01 6.23 21.48
CA GLY A 239 31.79 7.38 21.08
C GLY A 239 31.75 8.53 22.06
N PRO A 240 32.32 9.70 21.69
CA PRO A 240 32.34 10.88 22.56
C PRO A 240 31.00 11.52 22.87
N ARG A 241 29.94 11.06 22.20
CA ARG A 241 28.60 11.59 22.44
C ARG A 241 27.81 10.64 23.35
N ILE A 242 28.50 9.65 23.90
CA ILE A 242 27.84 8.67 24.75
C ILE A 242 27.14 9.32 25.95
N ALA A 243 27.75 10.32 26.54
CA ALA A 243 27.13 10.99 27.69
C ALA A 243 25.84 11.69 27.26
N ASP A 244 25.84 12.24 26.06
CA ASP A 244 24.65 12.94 25.56
C ASP A 244 23.47 12.00 25.37
N VAL A 245 23.73 10.84 24.77
CA VAL A 245 22.66 9.86 24.56
C VAL A 245 22.19 9.32 25.90
N VAL A 246 23.15 9.05 26.79
CA VAL A 246 22.81 8.52 28.10
C VAL A 246 21.97 9.51 28.89
N GLU A 247 22.32 10.80 28.81
CA GLU A 247 21.57 11.82 29.55
C GLU A 247 20.19 12.02 28.91
N SER A 248 20.13 12.00 27.59
CA SER A 248 18.86 12.17 26.89
C SER A 248 17.94 10.98 27.16
N LEU A 249 18.52 9.78 27.15
CA LEU A 249 17.75 8.57 27.41
C LEU A 249 17.27 8.60 28.86
N HIS A 250 18.16 8.97 29.78
CA HIS A 250 17.79 9.02 31.18
C HIS A 250 16.64 10.00 31.43
N GLN A 251 16.71 11.15 30.79
CA GLN A 251 15.69 12.18 30.91
C GLN A 251 14.33 11.68 30.43
N GLN A 252 14.32 10.83 29.41
CA GLN A 252 13.07 10.29 28.87
C GLN A 252 12.52 9.14 29.71
N LEU A 253 13.41 8.38 30.36
CA LEU A 253 12.96 7.26 31.19
C LEU A 253 12.28 7.78 32.45
N TRP A 254 12.66 8.99 32.88
CA TRP A 254 12.10 9.66 34.06
C TRP A 254 11.86 11.14 33.73
N PRO A 255 10.81 11.42 32.93
CA PRO A 255 10.39 12.75 32.46
C PRO A 255 10.24 13.90 33.46
N GLN A 256 10.32 15.12 32.93
CA GLN A 256 10.20 16.38 33.67
C GLN A 256 11.22 16.58 34.78
N ALA B 2 -12.85 22.20 11.21
CA ALA B 2 -11.41 22.06 10.91
C ALA B 2 -10.73 21.09 11.89
N GLU B 3 -11.42 20.81 12.99
CA GLU B 3 -10.89 19.89 14.00
C GLU B 3 -11.37 18.47 13.68
N ARG B 4 -12.68 18.26 13.74
CA ARG B 4 -13.27 16.97 13.41
C ARG B 4 -13.89 17.17 12.03
N ILE B 5 -13.36 16.46 11.04
CA ILE B 5 -13.84 16.61 9.68
C ILE B 5 -14.51 15.38 9.05
N VAL B 6 -15.63 15.63 8.39
CA VAL B 6 -16.37 14.60 7.70
C VAL B 6 -16.30 14.91 6.21
N VAL B 7 -15.86 13.94 5.42
CA VAL B 7 -15.74 14.15 3.99
C VAL B 7 -16.69 13.26 3.21
N ALA B 8 -17.30 13.83 2.18
CA ALA B 8 -18.21 13.10 1.32
C ALA B 8 -17.65 13.27 -0.08
N GLY B 9 -16.90 12.28 -0.54
CA GLY B 9 -16.29 12.33 -1.85
C GLY B 9 -14.94 11.66 -1.81
N GLY B 10 -14.87 10.44 -2.33
CA GLY B 10 -13.64 9.68 -2.34
C GLY B 10 -12.39 10.47 -2.68
N SER B 11 -12.44 11.19 -3.80
CA SER B 11 -11.31 11.99 -4.27
C SER B 11 -10.95 13.05 -3.24
N LEU B 12 -11.96 13.68 -2.66
CA LEU B 12 -11.71 14.69 -1.66
C LEU B 12 -10.93 14.08 -0.51
N THR B 13 -11.39 12.91 -0.06
CA THR B 13 -10.74 12.22 1.05
C THR B 13 -9.29 11.91 0.71
N GLU B 14 -9.05 11.40 -0.50
CA GLU B 14 -7.69 11.09 -0.94
C GLU B 14 -6.82 12.35 -1.01
N LEU B 15 -7.41 13.46 -1.43
CA LEU B 15 -6.64 14.70 -1.52
C LEU B 15 -6.21 15.12 -0.12
N ILE B 16 -7.16 15.12 0.80
CA ILE B 16 -6.89 15.50 2.18
C ILE B 16 -5.77 14.66 2.81
N TYR B 17 -5.93 13.34 2.78
CA TYR B 17 -4.90 12.49 3.36
C TYR B 17 -3.55 12.77 2.68
N ALA B 18 -3.55 12.83 1.35
CA ALA B 18 -2.33 13.10 0.60
C ALA B 18 -1.67 14.42 1.03
N MET B 19 -2.46 15.32 1.60
CA MET B 19 -1.93 16.60 2.06
C MET B 19 -1.60 16.58 3.54
N GLY B 20 -1.54 15.38 4.12
CA GLY B 20 -1.20 15.23 5.53
C GLY B 20 -2.28 15.51 6.57
N ALA B 21 -3.41 16.11 6.17
CA ALA B 21 -4.48 16.44 7.10
C ALA B 21 -5.49 15.32 7.38
N GLY B 22 -5.11 14.07 7.15
CA GLY B 22 -6.03 12.97 7.38
C GLY B 22 -6.31 12.73 8.86
N GLU B 23 -5.51 13.35 9.72
CA GLU B 23 -5.65 13.21 11.17
C GLU B 23 -6.86 13.98 11.69
N ARG B 24 -7.65 14.54 10.78
CA ARG B 24 -8.83 15.29 11.17
C ARG B 24 -10.11 14.68 10.61
N VAL B 25 -9.95 13.55 9.92
CA VAL B 25 -11.09 12.85 9.33
C VAL B 25 -11.68 11.91 10.38
N VAL B 26 -12.98 12.05 10.62
CA VAL B 26 -13.68 11.22 11.61
C VAL B 26 -14.87 10.51 10.97
N GLY B 27 -15.09 10.78 9.69
CA GLY B 27 -16.18 10.15 8.97
C GLY B 27 -16.05 10.40 7.48
N VAL B 28 -16.48 9.43 6.68
CA VAL B 28 -16.40 9.56 5.24
C VAL B 28 -17.62 8.95 4.59
N ASP B 29 -17.82 9.24 3.30
CA ASP B 29 -18.97 8.72 2.59
C ASP B 29 -18.73 7.35 1.96
N GLU B 30 -19.78 6.85 1.31
CA GLU B 30 -19.76 5.55 0.65
C GLU B 30 -18.76 5.44 -0.50
N THR B 31 -18.44 6.55 -1.14
CA THR B 31 -17.49 6.51 -2.25
C THR B 31 -16.04 6.46 -1.81
N THR B 32 -15.80 6.64 -0.52
CA THR B 32 -14.44 6.59 -0.01
C THR B 32 -14.02 5.14 0.21
N SER B 33 -12.86 4.78 -0.31
CA SER B 33 -12.35 3.42 -0.15
C SER B 33 -10.83 3.44 -0.18
N TYR B 34 -10.27 4.64 -0.11
CA TYR B 34 -8.82 4.84 -0.11
C TYR B 34 -8.53 6.20 0.51
N PRO B 35 -7.45 6.34 1.28
CA PRO B 35 -6.47 5.31 1.61
C PRO B 35 -6.99 4.29 2.63
N PRO B 36 -6.40 3.08 2.67
CA PRO B 36 -6.79 2.01 3.59
C PRO B 36 -7.19 2.45 5.00
N GLU B 37 -6.43 3.38 5.58
CA GLU B 37 -6.72 3.88 6.91
C GLU B 37 -8.14 4.41 7.08
N THR B 38 -8.81 4.74 5.97
CA THR B 38 -10.17 5.25 6.04
C THR B 38 -11.21 4.13 6.26
N ALA B 39 -10.81 2.89 6.01
CA ALA B 39 -11.71 1.74 6.16
C ALA B 39 -12.25 1.56 7.58
N LYS B 40 -11.47 1.95 8.58
CA LYS B 40 -11.87 1.82 9.97
C LYS B 40 -12.78 2.96 10.42
N LEU B 41 -12.86 4.01 9.63
CA LEU B 41 -13.69 5.15 9.96
C LEU B 41 -15.16 4.89 9.61
N PRO B 42 -16.07 5.51 10.35
CA PRO B 42 -17.48 5.29 10.03
C PRO B 42 -17.89 5.95 8.70
N HIS B 43 -18.72 5.26 7.92
CA HIS B 43 -19.18 5.81 6.67
C HIS B 43 -20.62 6.27 6.83
N ILE B 44 -21.05 7.18 5.97
CA ILE B 44 -22.39 7.73 6.04
C ILE B 44 -23.30 7.41 4.86
N GLY B 45 -22.78 7.51 3.65
CA GLY B 45 -23.60 7.20 2.49
C GLY B 45 -23.35 8.08 1.28
N TYR B 46 -23.33 7.45 0.11
CA TYR B 46 -23.10 8.12 -1.17
C TYR B 46 -23.45 9.60 -1.09
N TRP B 47 -22.44 10.46 -1.26
CA TRP B 47 -22.63 11.91 -1.20
C TRP B 47 -23.84 12.37 -2.01
N LYS B 48 -24.12 11.65 -3.09
CA LYS B 48 -25.24 11.96 -3.97
C LYS B 48 -26.54 11.39 -3.39
N GLN B 49 -26.42 10.86 -2.18
CA GLN B 49 -27.52 10.26 -1.44
C GLN B 49 -27.21 10.49 0.04
N LEU B 50 -26.24 11.38 0.27
CA LEU B 50 -25.76 11.73 1.61
C LEU B 50 -26.82 11.66 2.69
N SER B 51 -26.57 10.82 3.70
CA SER B 51 -27.51 10.66 4.80
C SER B 51 -27.40 11.80 5.82
N SER B 52 -28.55 12.28 6.26
CA SER B 52 -28.62 13.37 7.23
C SER B 52 -28.14 12.95 8.62
N GLU B 53 -28.81 11.96 9.20
CA GLU B 53 -28.47 11.46 10.53
C GLU B 53 -27.04 10.93 10.65
N GLY B 54 -26.58 10.22 9.62
CA GLY B 54 -25.24 9.67 9.64
C GLY B 54 -24.17 10.68 10.03
N ILE B 55 -24.11 11.77 9.27
CA ILE B 55 -23.13 12.83 9.51
C ILE B 55 -23.25 13.38 10.92
N LEU B 56 -24.34 14.12 11.14
CA LEU B 56 -24.66 14.77 12.40
C LEU B 56 -24.04 14.15 13.66
N SER B 57 -24.32 12.86 13.89
CA SER B 57 -23.84 12.14 15.06
C SER B 57 -22.33 12.06 15.30
N LEU B 58 -21.53 12.38 14.28
CA LEU B 58 -20.08 12.28 14.40
C LEU B 58 -19.39 13.50 15.03
N ARG B 59 -20.15 14.40 15.63
CA ARG B 59 -19.58 15.60 16.24
C ARG B 59 -18.59 16.26 15.27
N PRO B 60 -19.05 16.61 14.06
CA PRO B 60 -18.21 17.24 13.04
C PRO B 60 -18.04 18.77 13.10
N ASP B 61 -16.80 19.22 13.24
CA ASP B 61 -16.50 20.65 13.27
C ASP B 61 -16.82 21.25 11.91
N SER B 62 -16.29 20.62 10.87
CA SER B 62 -16.50 21.07 9.49
C SER B 62 -16.76 19.90 8.56
N VAL B 63 -17.53 20.14 7.51
CA VAL B 63 -17.86 19.12 6.53
C VAL B 63 -17.46 19.55 5.12
N ILE B 64 -16.61 18.75 4.48
CA ILE B 64 -16.13 19.02 3.13
C ILE B 64 -16.68 18.03 2.12
N THR B 65 -17.35 18.53 1.09
CA THR B 65 -17.91 17.68 0.07
C THR B 65 -18.17 18.45 -1.22
N TRP B 66 -18.81 17.80 -2.19
CA TRP B 66 -19.11 18.44 -3.46
C TRP B 66 -20.25 19.44 -3.34
N GLN B 67 -20.50 20.17 -4.42
CA GLN B 67 -21.57 21.17 -4.43
C GLN B 67 -22.88 20.47 -4.83
N ASP B 68 -22.81 19.63 -5.85
CA ASP B 68 -23.97 18.90 -6.33
C ASP B 68 -24.30 17.72 -5.43
N ALA B 69 -24.13 17.92 -4.12
CA ALA B 69 -24.42 16.88 -3.14
C ALA B 69 -25.89 16.46 -3.21
N GLY B 70 -26.36 15.78 -2.17
CA GLY B 70 -27.76 15.35 -2.16
C GLY B 70 -28.03 14.10 -1.34
N PRO B 71 -29.28 13.87 -0.93
CA PRO B 71 -30.46 14.70 -1.17
C PRO B 71 -30.31 16.18 -0.81
N GLN B 72 -30.99 17.03 -1.59
CA GLN B 72 -30.97 18.47 -1.40
C GLN B 72 -31.27 18.89 0.03
N ILE B 73 -32.51 18.64 0.47
CA ILE B 73 -32.93 18.99 1.82
C ILE B 73 -31.87 18.64 2.86
N VAL B 74 -31.33 17.43 2.72
CA VAL B 74 -30.30 16.94 3.64
C VAL B 74 -29.16 17.93 3.75
N LEU B 75 -28.81 18.55 2.62
CA LEU B 75 -27.74 19.53 2.59
C LEU B 75 -28.10 20.75 3.42
N ASP B 76 -29.32 21.24 3.24
CA ASP B 76 -29.78 22.41 3.98
C ASP B 76 -29.99 22.05 5.45
N GLN B 77 -30.44 20.82 5.69
CA GLN B 77 -30.67 20.36 7.06
C GLN B 77 -29.36 20.40 7.84
N LEU B 78 -28.31 19.86 7.25
CA LEU B 78 -27.00 19.84 7.88
C LEU B 78 -26.56 21.27 8.16
N ARG B 79 -26.79 22.15 7.20
CA ARG B 79 -26.43 23.56 7.34
C ARG B 79 -27.27 24.18 8.45
N ALA B 80 -28.58 23.93 8.39
CA ALA B 80 -29.52 24.45 9.37
C ALA B 80 -29.10 24.07 10.79
N GLN B 81 -28.15 23.16 10.90
CA GLN B 81 -27.66 22.70 12.20
C GLN B 81 -26.49 23.52 12.73
N LYS B 82 -26.21 24.64 12.09
CA LYS B 82 -25.11 25.50 12.52
C LYS B 82 -23.80 24.72 12.37
N VAL B 83 -23.65 24.06 11.23
CA VAL B 83 -22.46 23.26 10.96
C VAL B 83 -21.56 23.90 9.90
N ASN B 84 -20.26 23.90 10.17
CA ASN B 84 -19.26 24.48 9.26
C ASN B 84 -19.13 23.65 7.97
N VAL B 85 -19.86 24.05 6.93
CA VAL B 85 -19.83 23.34 5.66
C VAL B 85 -18.87 24.01 4.64
N VAL B 86 -18.06 23.19 3.98
CA VAL B 86 -17.09 23.65 2.99
C VAL B 86 -17.26 22.80 1.72
N THR B 87 -17.44 23.45 0.58
CA THR B 87 -17.63 22.71 -0.66
C THR B 87 -16.74 23.12 -1.83
N LEU B 88 -16.57 22.21 -2.79
CA LEU B 88 -15.75 22.42 -3.98
C LEU B 88 -16.52 21.92 -5.20
N PRO B 89 -16.25 22.49 -6.39
CA PRO B 89 -16.93 22.08 -7.62
C PRO B 89 -16.42 20.70 -8.07
N ARG B 90 -17.35 19.79 -8.36
CA ARG B 90 -17.00 18.44 -8.79
C ARG B 90 -16.75 18.42 -10.29
N VAL B 91 -17.37 19.34 -11.00
CA VAL B 91 -17.21 19.47 -12.44
C VAL B 91 -16.73 20.90 -12.69
N PRO B 92 -16.04 21.15 -13.83
CA PRO B 92 -15.69 20.17 -14.86
C PRO B 92 -14.55 19.25 -14.43
N ALA B 93 -14.43 18.11 -15.11
CA ALA B 93 -13.37 17.16 -14.79
C ALA B 93 -12.13 17.55 -15.58
N THR B 94 -11.34 18.45 -15.02
CA THR B 94 -10.13 18.89 -15.69
C THR B 94 -9.03 19.09 -14.67
N LEU B 95 -7.79 19.09 -15.16
CA LEU B 95 -6.66 19.31 -14.27
C LEU B 95 -6.80 20.68 -13.63
N GLU B 96 -7.25 21.66 -14.41
CA GLU B 96 -7.38 23.01 -13.88
C GLU B 96 -8.27 22.99 -12.63
N GLN B 97 -9.47 22.43 -12.76
CA GLN B 97 -10.39 22.37 -11.63
C GLN B 97 -9.78 21.58 -10.48
N MET B 98 -9.15 20.45 -10.80
CA MET B 98 -8.52 19.62 -9.78
C MET B 98 -7.49 20.45 -9.01
N TYR B 99 -6.67 21.21 -9.73
CA TYR B 99 -5.65 22.04 -9.10
C TYR B 99 -6.30 23.09 -8.22
N ALA B 100 -7.32 23.75 -8.77
CA ALA B 100 -8.05 24.77 -8.04
C ALA B 100 -8.56 24.13 -6.76
N ASN B 101 -9.21 22.96 -6.90
CA ASN B 101 -9.74 22.27 -5.74
C ASN B 101 -8.67 21.93 -4.72
N ILE B 102 -7.52 21.45 -5.16
CA ILE B 102 -6.44 21.11 -4.22
C ILE B 102 -6.01 22.31 -3.38
N ARG B 103 -5.89 23.46 -4.02
CA ARG B 103 -5.47 24.67 -3.32
C ARG B 103 -6.54 25.08 -2.32
N GLN B 104 -7.80 25.06 -2.73
CA GLN B 104 -8.89 25.44 -1.82
C GLN B 104 -8.83 24.56 -0.58
N LEU B 105 -8.79 23.24 -0.78
CA LEU B 105 -8.71 22.31 0.33
C LEU B 105 -7.51 22.66 1.20
N ALA B 106 -6.33 22.75 0.57
CA ALA B 106 -5.10 23.08 1.29
C ALA B 106 -5.24 24.40 2.03
N LYS B 107 -6.17 25.23 1.57
CA LYS B 107 -6.41 26.53 2.20
C LYS B 107 -7.26 26.31 3.44
N THR B 108 -8.48 25.84 3.23
CA THR B 108 -9.39 25.58 4.34
C THR B 108 -8.70 24.70 5.38
N LEU B 109 -8.00 23.67 4.94
CA LEU B 109 -7.30 22.78 5.86
C LEU B 109 -6.00 23.44 6.32
N GLN B 110 -5.74 24.63 5.78
CA GLN B 110 -4.57 25.43 6.11
C GLN B 110 -3.23 24.69 6.06
N VAL B 111 -2.87 24.25 4.86
CA VAL B 111 -1.61 23.56 4.61
C VAL B 111 -1.16 23.88 3.18
N PRO B 112 -1.03 25.18 2.86
CA PRO B 112 -0.61 25.67 1.54
C PRO B 112 0.52 24.90 0.89
N GLU B 113 1.61 24.70 1.62
CA GLU B 113 2.77 23.98 1.10
C GLU B 113 2.36 22.64 0.52
N GLN B 114 1.66 21.83 1.32
CA GLN B 114 1.21 20.52 0.86
C GLN B 114 0.47 20.64 -0.45
N GLY B 115 -0.46 21.58 -0.52
CA GLY B 115 -1.22 21.78 -1.75
C GLY B 115 -0.33 21.97 -2.97
N ASP B 116 0.51 23.00 -2.94
CA ASP B 116 1.38 23.29 -4.08
C ASP B 116 2.40 22.20 -4.39
N ALA B 117 2.89 21.53 -3.36
CA ALA B 117 3.86 20.46 -3.59
C ALA B 117 3.15 19.30 -4.31
N LEU B 118 1.89 19.08 -3.98
CA LEU B 118 1.09 18.04 -4.60
C LEU B 118 0.81 18.40 -6.06
N VAL B 119 0.32 19.62 -6.28
CA VAL B 119 0.02 20.07 -7.63
C VAL B 119 1.26 19.90 -8.48
N THR B 120 2.41 20.29 -7.94
CA THR B 120 3.67 20.18 -8.66
C THR B 120 4.02 18.74 -8.98
N GLN B 121 3.99 17.87 -7.98
CA GLN B 121 4.30 16.45 -8.20
C GLN B 121 3.43 15.88 -9.31
N ILE B 122 2.13 16.11 -9.22
CA ILE B 122 1.19 15.61 -10.20
C ILE B 122 1.48 16.13 -11.60
N ASN B 123 1.49 17.46 -11.74
CA ASN B 123 1.75 18.07 -13.03
C ASN B 123 3.00 17.48 -13.69
N GLN B 124 4.09 17.48 -12.94
CA GLN B 124 5.37 16.96 -13.41
C GLN B 124 5.25 15.55 -14.01
N ARG B 125 4.59 14.65 -13.28
CA ARG B 125 4.40 13.28 -13.75
C ARG B 125 3.58 13.24 -15.03
N LEU B 126 2.47 13.97 -15.05
CA LEU B 126 1.57 14.02 -16.19
C LEU B 126 2.22 14.67 -17.40
N GLU B 127 2.94 15.76 -17.17
CA GLU B 127 3.61 16.45 -18.27
C GLU B 127 4.60 15.47 -18.92
N ARG B 128 5.26 14.64 -18.12
CA ARG B 128 6.22 13.69 -18.65
C ARG B 128 5.58 12.62 -19.55
N VAL B 129 4.36 12.22 -19.23
CA VAL B 129 3.67 11.23 -20.05
C VAL B 129 3.27 11.88 -21.37
N GLN B 130 2.94 13.17 -21.32
CA GLN B 130 2.56 13.91 -22.52
C GLN B 130 3.73 13.93 -23.50
N GLN B 131 4.93 14.01 -22.97
CA GLN B 131 6.14 14.02 -23.78
C GLN B 131 6.33 12.66 -24.42
N ASN B 132 6.21 11.60 -23.62
CA ASN B 132 6.34 10.25 -24.15
C ASN B 132 5.18 10.02 -25.11
N VAL B 133 4.04 10.62 -24.82
CA VAL B 133 2.87 10.48 -25.67
C VAL B 133 3.28 10.89 -27.08
N ALA B 134 4.01 11.99 -27.17
CA ALA B 134 4.50 12.48 -28.44
C ALA B 134 5.52 11.49 -29.00
N ALA B 135 6.28 10.88 -28.09
CA ALA B 135 7.29 9.90 -28.49
C ALA B 135 6.64 8.80 -29.31
N LYS B 136 5.39 8.47 -29.00
CA LYS B 136 4.66 7.45 -29.74
C LYS B 136 4.34 7.99 -31.12
N LYS B 137 4.17 7.10 -32.09
CA LYS B 137 3.89 7.52 -33.46
C LYS B 137 2.41 7.56 -33.83
N ALA B 138 1.77 6.39 -33.81
CA ALA B 138 0.36 6.26 -34.18
C ALA B 138 -0.66 6.46 -33.06
N PRO B 139 -1.68 7.31 -33.32
CA PRO B 139 -2.74 7.61 -32.35
C PRO B 139 -3.54 6.35 -32.03
N VAL B 140 -4.32 6.39 -30.96
CA VAL B 140 -5.11 5.23 -30.58
C VAL B 140 -6.53 5.59 -30.15
N LYS B 141 -7.50 5.09 -30.90
CA LYS B 141 -8.91 5.32 -30.62
C LYS B 141 -9.33 4.44 -29.46
N ALA B 142 -9.70 5.05 -28.35
CA ALA B 142 -10.09 4.25 -27.21
C ALA B 142 -11.49 4.58 -26.71
N MET B 143 -11.97 3.70 -25.84
CA MET B 143 -13.28 3.80 -25.22
C MET B 143 -13.21 3.21 -23.83
N PHE B 144 -13.97 3.78 -22.91
CA PHE B 144 -14.01 3.26 -21.55
C PHE B 144 -15.45 2.91 -21.21
N ILE B 145 -15.65 1.68 -20.75
CA ILE B 145 -16.96 1.17 -20.38
C ILE B 145 -16.98 0.83 -18.90
N LEU B 146 -17.99 1.35 -18.21
CA LEU B 146 -18.13 1.18 -16.77
C LEU B 146 -19.46 0.62 -16.30
N SER B 147 -19.40 -0.08 -15.16
CA SER B 147 -20.57 -0.61 -14.49
C SER B 147 -20.41 -0.14 -13.04
N ALA B 148 -21.02 0.99 -12.70
CA ALA B 148 -20.93 1.50 -11.34
C ALA B 148 -22.37 1.53 -10.84
N GLY B 149 -22.56 1.29 -9.55
CA GLY B 149 -23.91 1.24 -9.04
C GLY B 149 -24.43 -0.07 -9.58
N GLY B 150 -25.74 -0.22 -9.67
CA GLY B 150 -26.29 -1.46 -10.22
C GLY B 150 -26.58 -1.24 -11.69
N SER B 151 -26.04 -0.14 -12.23
CA SER B 151 -26.23 0.27 -13.62
C SER B 151 -25.79 -0.68 -14.72
N ALA B 152 -26.40 -0.52 -15.89
CA ALA B 152 -26.06 -1.31 -17.06
C ALA B 152 -24.72 -0.74 -17.56
N PRO B 153 -24.01 -1.49 -18.41
CA PRO B 153 -22.72 -0.98 -18.91
C PRO B 153 -22.92 0.36 -19.62
N GLN B 154 -22.05 1.33 -19.35
CA GLN B 154 -22.17 2.62 -20.03
C GLN B 154 -20.82 3.12 -20.48
N VAL B 155 -20.85 3.85 -21.60
CA VAL B 155 -19.65 4.40 -22.20
C VAL B 155 -19.37 5.80 -21.66
N ALA B 156 -18.12 6.04 -21.33
CA ALA B 156 -17.68 7.32 -20.78
C ALA B 156 -17.51 8.34 -21.88
N GLY B 157 -18.22 9.46 -21.75
CA GLY B 157 -18.14 10.52 -22.73
C GLY B 157 -17.45 11.75 -22.22
N LYS B 158 -17.62 12.85 -22.95
CA LYS B 158 -17.02 14.14 -22.62
C LYS B 158 -17.41 14.65 -21.23
N GLY B 159 -16.44 15.20 -20.51
CA GLY B 159 -16.71 15.74 -19.20
C GLY B 159 -16.58 14.74 -18.08
N SER B 160 -16.46 13.47 -18.42
CA SER B 160 -16.33 12.46 -17.37
C SER B 160 -14.88 12.38 -16.96
N VAL B 161 -14.63 11.86 -15.76
CA VAL B 161 -13.27 11.69 -15.26
C VAL B 161 -12.52 10.71 -16.18
N ALA B 162 -13.18 9.61 -16.54
CA ALA B 162 -12.56 8.61 -17.39
C ALA B 162 -12.04 9.24 -18.68
N ASP B 163 -12.86 10.08 -19.29
CA ASP B 163 -12.46 10.74 -20.51
C ASP B 163 -11.21 11.59 -20.34
N ALA B 164 -11.15 12.32 -19.23
CA ALA B 164 -9.99 13.18 -18.97
C ALA B 164 -8.75 12.30 -18.82
N ILE B 165 -8.90 11.16 -18.17
CA ILE B 165 -7.80 10.24 -17.96
C ILE B 165 -7.31 9.59 -19.26
N LEU B 166 -8.20 9.14 -20.13
CA LEU B 166 -7.81 8.55 -21.41
C LEU B 166 -7.03 9.59 -22.23
N SER B 167 -7.47 10.85 -22.18
CA SER B 167 -6.80 11.91 -22.92
C SER B 167 -5.39 12.15 -22.39
N LEU B 168 -5.27 12.20 -21.07
CA LEU B 168 -3.97 12.41 -20.44
C LEU B 168 -2.99 11.27 -20.78
N ALA B 169 -3.52 10.06 -20.92
CA ALA B 169 -2.71 8.88 -21.22
C ALA B 169 -2.28 8.83 -22.67
N GLY B 170 -2.82 9.73 -23.49
CA GLY B 170 -2.45 9.74 -24.88
C GLY B 170 -3.48 9.19 -25.86
N ALA B 171 -4.55 8.59 -25.35
CA ALA B 171 -5.56 8.05 -26.26
C ALA B 171 -6.63 9.07 -26.63
N GLU B 172 -7.30 8.80 -27.73
CA GLU B 172 -8.38 9.64 -28.21
C GLU B 172 -9.69 8.92 -27.89
N ASN B 173 -10.63 9.60 -27.24
CA ASN B 173 -11.92 8.99 -26.89
C ASN B 173 -12.84 9.03 -28.11
N VAL B 174 -13.33 7.87 -28.56
CA VAL B 174 -14.20 7.86 -29.72
C VAL B 174 -15.63 8.26 -29.38
N ALA B 175 -15.96 8.24 -28.10
CA ALA B 175 -17.29 8.62 -27.65
C ALA B 175 -17.34 10.14 -27.64
N THR B 176 -18.42 10.71 -28.16
CA THR B 176 -18.56 12.17 -28.20
C THR B 176 -19.78 12.69 -27.45
N HIS B 177 -20.57 11.79 -26.89
CA HIS B 177 -21.74 12.18 -26.13
C HIS B 177 -21.28 12.77 -24.81
N GLN B 178 -22.21 13.28 -24.02
CA GLN B 178 -21.89 13.86 -22.73
C GLN B 178 -21.98 12.88 -21.58
N GLN B 179 -20.95 12.86 -20.73
CA GLN B 179 -20.92 12.00 -19.56
C GLN B 179 -21.11 10.50 -19.87
N TYR B 180 -21.98 9.81 -19.13
CA TYR B 180 -22.18 8.37 -19.36
C TYR B 180 -23.48 7.98 -20.03
N LYS B 181 -23.40 7.07 -21.00
CA LYS B 181 -24.57 6.60 -21.72
C LYS B 181 -24.46 5.13 -22.13
N SER B 182 -25.59 4.43 -22.12
CA SER B 182 -25.61 3.01 -22.51
C SER B 182 -25.64 2.92 -24.04
N TYR B 183 -24.77 2.10 -24.61
CA TYR B 183 -24.71 1.92 -26.06
C TYR B 183 -25.31 0.57 -26.47
N SER B 184 -26.08 0.57 -27.55
CA SER B 184 -26.61 -0.68 -28.06
C SER B 184 -25.41 -1.28 -28.78
N ALA B 185 -25.53 -2.54 -29.20
CA ALA B 185 -24.44 -3.21 -29.90
C ALA B 185 -24.06 -2.44 -31.15
N GLU B 186 -25.06 -2.05 -31.93
CA GLU B 186 -24.83 -1.29 -33.17
C GLU B 186 -24.08 0.00 -32.90
N SER B 187 -24.41 0.67 -31.81
CA SER B 187 -23.75 1.91 -31.45
C SER B 187 -22.29 1.69 -31.07
N LEU B 188 -22.00 0.55 -30.44
CA LEU B 188 -20.65 0.23 -30.02
C LEU B 188 -19.80 -0.15 -31.24
N ILE B 189 -20.41 -0.88 -32.18
CA ILE B 189 -19.71 -1.28 -33.39
C ILE B 189 -19.43 -0.04 -34.23
N ALA B 190 -20.36 0.91 -34.20
CA ALA B 190 -20.21 2.15 -34.94
C ALA B 190 -19.03 2.94 -34.39
N ALA B 191 -18.93 3.00 -33.06
CA ALA B 191 -17.85 3.74 -32.41
C ALA B 191 -16.51 3.23 -32.91
N ASN B 192 -16.45 1.93 -33.17
CA ASN B 192 -15.26 1.28 -33.72
C ASN B 192 -13.96 1.60 -32.99
N PRO B 193 -13.91 1.33 -31.67
CA PRO B 193 -12.68 1.60 -30.91
C PRO B 193 -11.60 0.57 -31.17
N GLU B 194 -10.35 1.03 -31.22
CA GLU B 194 -9.18 0.17 -31.42
C GLU B 194 -8.96 -0.60 -30.12
N VAL B 195 -9.05 0.14 -29.02
CA VAL B 195 -8.84 -0.40 -27.70
C VAL B 195 -10.03 -0.08 -26.83
N ILE B 196 -10.33 -0.96 -25.89
CA ILE B 196 -11.41 -0.73 -24.96
C ILE B 196 -10.88 -0.94 -23.56
N VAL B 197 -11.22 -0.01 -22.68
CA VAL B 197 -10.78 -0.08 -21.30
C VAL B 197 -11.97 -0.32 -20.41
N VAL B 198 -11.85 -1.31 -19.53
CA VAL B 198 -12.89 -1.64 -18.57
C VAL B 198 -12.19 -1.72 -17.24
N THR B 199 -12.97 -1.85 -16.16
CA THR B 199 -12.40 -1.95 -14.83
C THR B 199 -12.05 -3.37 -14.43
N SER B 200 -11.01 -3.48 -13.61
CA SER B 200 -10.55 -4.77 -13.10
C SER B 200 -11.69 -5.51 -12.41
N GLN B 201 -12.64 -4.76 -11.84
CA GLN B 201 -13.78 -5.34 -11.13
C GLN B 201 -14.79 -5.96 -12.10
N MET B 202 -14.80 -5.49 -13.34
CA MET B 202 -15.72 -6.01 -14.32
C MET B 202 -15.18 -7.32 -14.88
N VAL B 203 -13.86 -7.40 -15.04
CA VAL B 203 -13.21 -8.59 -15.57
C VAL B 203 -13.01 -9.63 -14.48
N ASP B 204 -12.62 -9.17 -13.30
CA ASP B 204 -12.39 -10.05 -12.15
C ASP B 204 -11.80 -11.36 -12.62
N GLY B 205 -12.59 -12.43 -12.52
CA GLY B 205 -12.13 -13.73 -12.96
C GLY B 205 -11.58 -13.73 -14.38
N ASP B 206 -12.46 -13.75 -15.39
CA ASP B 206 -11.97 -13.76 -16.77
C ASP B 206 -12.79 -12.87 -17.70
N ILE B 207 -12.18 -12.48 -18.81
CA ILE B 207 -12.80 -11.61 -19.81
C ILE B 207 -14.16 -12.08 -20.34
N ASN B 208 -14.39 -13.39 -20.31
CA ASN B 208 -15.66 -13.92 -20.79
C ASN B 208 -16.85 -13.29 -20.08
N ARG B 209 -16.60 -12.67 -18.93
CA ARG B 209 -17.68 -12.01 -18.19
C ARG B 209 -18.16 -10.76 -18.91
N LEU B 210 -17.34 -10.26 -19.83
CA LEU B 210 -17.68 -9.04 -20.58
C LEU B 210 -18.66 -9.34 -21.71
N ARG B 211 -18.88 -10.62 -22.00
CA ARG B 211 -19.78 -11.01 -23.09
C ARG B 211 -21.20 -10.48 -23.01
N SER B 212 -21.61 -10.04 -21.82
CA SER B 212 -22.95 -9.49 -21.64
C SER B 212 -23.05 -7.99 -21.94
N ILE B 213 -21.94 -7.39 -22.39
CA ILE B 213 -21.97 -5.97 -22.75
C ILE B 213 -22.35 -5.99 -24.24
N ALA B 214 -23.52 -5.46 -24.58
CA ALA B 214 -23.95 -5.46 -25.97
C ALA B 214 -22.90 -4.97 -26.97
N GLY B 215 -22.67 -5.78 -28.01
CA GLY B 215 -21.72 -5.44 -29.06
C GLY B 215 -20.22 -5.60 -28.82
N ILE B 216 -19.82 -5.74 -27.57
CA ILE B 216 -18.40 -5.81 -27.26
C ILE B 216 -17.59 -6.85 -28.04
N THR B 217 -18.13 -8.05 -28.22
CA THR B 217 -17.40 -9.08 -28.94
C THR B 217 -17.25 -8.89 -30.44
N HIS B 218 -18.13 -8.09 -31.05
CA HIS B 218 -18.03 -7.82 -32.49
C HIS B 218 -17.16 -6.61 -32.72
N THR B 219 -16.46 -6.22 -31.67
CA THR B 219 -15.60 -5.06 -31.68
C THR B 219 -14.17 -5.41 -32.11
N ALA B 220 -13.50 -4.46 -32.76
CA ALA B 220 -12.13 -4.67 -33.20
C ALA B 220 -11.23 -4.89 -31.98
N ALA B 221 -11.46 -4.08 -30.94
CA ALA B 221 -10.67 -4.21 -29.72
C ALA B 221 -10.75 -5.63 -29.18
N TRP B 222 -11.94 -6.22 -29.24
CA TRP B 222 -12.14 -7.57 -28.73
C TRP B 222 -11.52 -8.63 -29.64
N LYS B 223 -11.58 -8.40 -30.95
CA LYS B 223 -11.04 -9.37 -31.88
C LYS B 223 -9.51 -9.40 -31.88
N ASN B 224 -8.89 -8.23 -31.75
CA ASN B 224 -7.44 -8.16 -31.72
C ASN B 224 -6.92 -8.27 -30.30
N GLN B 225 -7.84 -8.49 -29.36
CA GLN B 225 -7.49 -8.62 -27.95
C GLN B 225 -6.84 -7.39 -27.33
N ARG B 226 -7.46 -6.24 -27.54
CA ARG B 226 -6.94 -5.03 -26.95
C ARG B 226 -7.94 -4.48 -25.92
N ILE B 227 -8.25 -5.33 -24.95
CA ILE B 227 -9.12 -4.95 -23.86
C ILE B 227 -8.16 -4.69 -22.70
N ILE B 228 -8.17 -3.47 -22.18
CA ILE B 228 -7.30 -3.10 -21.07
C ILE B 228 -8.16 -2.91 -19.83
N THR B 229 -7.58 -3.13 -18.66
CA THR B 229 -8.32 -2.98 -17.44
C THR B 229 -7.70 -1.95 -16.50
N VAL B 230 -8.53 -1.38 -15.63
CA VAL B 230 -8.09 -0.37 -14.68
C VAL B 230 -8.94 -0.49 -13.42
N ASP B 231 -8.38 -0.16 -12.27
CA ASP B 231 -9.11 -0.23 -11.02
C ASP B 231 -10.20 0.84 -11.03
N GLN B 232 -11.44 0.41 -10.85
CA GLN B 232 -12.56 1.33 -10.85
C GLN B 232 -12.33 2.55 -9.95
N ASN B 233 -11.79 2.32 -8.76
CA ASN B 233 -11.56 3.40 -7.78
C ASN B 233 -10.56 4.47 -8.23
N LEU B 234 -9.94 4.27 -9.39
CA LEU B 234 -8.97 5.22 -9.91
C LEU B 234 -9.49 6.02 -11.10
N ILE B 235 -10.64 5.62 -11.64
CA ILE B 235 -11.18 6.30 -12.79
C ILE B 235 -12.52 7.00 -12.57
N LEU B 236 -12.95 7.12 -11.32
CA LEU B 236 -14.22 7.79 -11.04
C LEU B 236 -14.03 9.16 -10.39
N GLY B 237 -12.78 9.49 -10.04
CA GLY B 237 -12.48 10.76 -9.42
C GLY B 237 -11.06 11.22 -9.71
N MET B 238 -10.82 12.52 -9.59
CA MET B 238 -9.49 13.06 -9.83
C MET B 238 -8.77 13.25 -8.50
N GLY B 239 -7.97 12.25 -8.13
CA GLY B 239 -7.24 12.31 -6.88
C GLY B 239 -5.75 12.27 -7.05
N PRO B 240 -4.99 12.25 -5.96
CA PRO B 240 -3.52 12.23 -5.97
C PRO B 240 -2.87 11.06 -6.67
N ARG B 241 -3.66 10.05 -7.05
CA ARG B 241 -3.13 8.88 -7.73
C ARG B 241 -3.34 8.95 -9.23
N ILE B 242 -3.85 10.07 -9.72
CA ILE B 242 -4.13 10.21 -11.15
C ILE B 242 -2.92 9.95 -12.02
N ALA B 243 -1.74 10.39 -11.59
CA ALA B 243 -0.55 10.16 -12.40
C ALA B 243 -0.32 8.65 -12.51
N ASP B 244 -0.64 7.92 -11.45
CA ASP B 244 -0.46 6.47 -11.46
C ASP B 244 -1.33 5.79 -12.50
N VAL B 245 -2.62 6.13 -12.53
CA VAL B 245 -3.52 5.54 -13.51
C VAL B 245 -3.12 5.93 -14.93
N VAL B 246 -2.77 7.20 -15.13
CA VAL B 246 -2.39 7.65 -16.47
C VAL B 246 -1.17 6.92 -16.99
N GLU B 247 -0.17 6.72 -16.12
CA GLU B 247 1.04 6.03 -16.51
C GLU B 247 0.74 4.56 -16.81
N SER B 248 -0.06 3.95 -15.96
CA SER B 248 -0.43 2.55 -16.17
C SER B 248 -1.20 2.41 -17.47
N LEU B 249 -2.18 3.28 -17.67
CA LEU B 249 -2.97 3.21 -18.88
C LEU B 249 -2.09 3.45 -20.08
N HIS B 250 -1.28 4.50 -20.04
CA HIS B 250 -0.39 4.81 -21.15
C HIS B 250 0.54 3.64 -21.46
N GLN B 251 1.00 2.98 -20.42
CA GLN B 251 1.90 1.86 -20.55
C GLN B 251 1.20 0.70 -21.29
N GLN B 252 -0.08 0.52 -21.03
CA GLN B 252 -0.85 -0.55 -21.67
C GLN B 252 -1.27 -0.20 -23.09
N LEU B 253 -1.31 1.08 -23.41
CA LEU B 253 -1.68 1.53 -24.75
C LEU B 253 -0.51 1.34 -25.72
N TRP B 254 0.70 1.45 -25.19
CA TRP B 254 1.93 1.29 -25.99
C TRP B 254 2.93 0.49 -25.16
N PRO B 255 2.69 -0.82 -25.01
CA PRO B 255 3.54 -1.74 -24.24
C PRO B 255 4.88 -2.11 -24.86
N GLN B 256 5.70 -2.81 -24.06
CA GLN B 256 7.03 -3.30 -24.44
C GLN B 256 8.01 -2.22 -24.85
N ALA C 2 39.03 12.65 -23.05
CA ALA C 2 38.30 11.90 -21.97
C ALA C 2 37.44 12.85 -21.13
N GLU C 3 36.38 12.32 -20.54
CA GLU C 3 35.46 13.11 -19.73
C GLU C 3 35.46 12.58 -18.29
N ARG C 4 35.33 13.47 -17.31
CA ARG C 4 35.32 13.08 -15.89
C ARG C 4 33.91 13.14 -15.31
N ILE C 5 33.32 11.99 -15.06
CA ILE C 5 31.96 11.97 -14.55
C ILE C 5 31.75 11.42 -13.14
N VAL C 6 30.96 12.13 -12.35
CA VAL C 6 30.60 11.67 -11.00
C VAL C 6 29.12 11.35 -11.05
N VAL C 7 28.79 10.12 -10.69
CA VAL C 7 27.40 9.71 -10.72
C VAL C 7 26.90 9.42 -9.31
N ALA C 8 25.68 9.85 -9.02
CA ALA C 8 25.07 9.60 -7.72
C ALA C 8 23.77 8.86 -8.00
N GLY C 9 23.80 7.57 -7.69
CA GLY C 9 22.66 6.70 -7.93
C GLY C 9 23.16 5.38 -8.48
N GLY C 10 23.27 4.38 -7.62
CA GLY C 10 23.76 3.07 -8.02
C GLY C 10 23.25 2.56 -9.36
N SER C 11 21.94 2.63 -9.52
CA SER C 11 21.27 2.19 -10.74
C SER C 11 21.85 2.90 -11.97
N LEU C 12 22.06 4.22 -11.85
CA LEU C 12 22.61 5.00 -12.94
C LEU C 12 24.05 4.57 -13.26
N THR C 13 24.86 4.35 -12.23
CA THR C 13 26.24 3.89 -12.44
C THR C 13 26.25 2.60 -13.26
N GLU C 14 25.38 1.66 -12.89
CA GLU C 14 25.31 0.39 -13.60
C GLU C 14 24.95 0.58 -15.07
N LEU C 15 23.98 1.45 -15.33
CA LEU C 15 23.54 1.73 -16.70
C LEU C 15 24.68 2.35 -17.50
N ILE C 16 25.36 3.32 -16.89
CA ILE C 16 26.45 4.00 -17.55
C ILE C 16 27.62 3.08 -17.89
N TYR C 17 27.85 2.07 -17.05
CA TYR C 17 28.92 1.12 -17.31
C TYR C 17 28.49 0.14 -18.38
N ALA C 18 27.23 -0.27 -18.31
CA ALA C 18 26.68 -1.22 -19.28
C ALA C 18 26.67 -0.63 -20.68
N MET C 19 26.92 0.67 -20.79
CA MET C 19 26.94 1.35 -22.08
C MET C 19 28.37 1.64 -22.53
N GLY C 20 29.33 0.98 -21.89
CA GLY C 20 30.73 1.16 -22.24
C GLY C 20 31.33 2.52 -21.90
N ALA C 21 30.58 3.34 -21.18
CA ALA C 21 31.09 4.66 -20.82
C ALA C 21 31.67 4.66 -19.40
N GLY C 22 31.79 3.48 -18.81
CA GLY C 22 32.32 3.38 -17.46
C GLY C 22 33.64 4.10 -17.30
N GLU C 23 34.53 3.90 -18.26
CA GLU C 23 35.87 4.50 -18.26
C GLU C 23 35.89 5.98 -17.89
N ARG C 24 34.80 6.67 -18.18
CA ARG C 24 34.70 8.10 -17.89
C ARG C 24 34.32 8.45 -16.44
N VAL C 25 33.95 7.44 -15.66
CA VAL C 25 33.53 7.66 -14.28
C VAL C 25 34.69 7.80 -13.30
N VAL C 26 34.76 8.95 -12.65
CA VAL C 26 35.82 9.22 -11.69
C VAL C 26 35.32 9.31 -10.24
N GLY C 27 34.03 9.05 -10.04
CA GLY C 27 33.47 9.11 -8.69
C GLY C 27 32.03 8.66 -8.62
N VAL C 28 31.63 8.13 -7.47
CA VAL C 28 30.27 7.66 -7.29
C VAL C 28 29.77 7.97 -5.87
N ASP C 29 28.51 7.66 -5.59
CA ASP C 29 27.95 7.90 -4.27
C ASP C 29 27.93 6.57 -3.51
N GLU C 30 27.53 6.62 -2.24
CA GLU C 30 27.50 5.41 -1.42
C GLU C 30 26.44 4.38 -1.83
N THR C 31 25.46 4.76 -2.66
CA THR C 31 24.47 3.77 -3.08
C THR C 31 24.99 2.96 -4.28
N THR C 32 26.21 3.25 -4.72
CA THR C 32 26.82 2.53 -5.84
C THR C 32 27.64 1.37 -5.31
N SER C 33 27.31 0.14 -5.72
CA SER C 33 28.06 -1.02 -5.28
C SER C 33 28.34 -1.98 -6.44
N TYR C 34 28.05 -1.53 -7.65
CA TYR C 34 28.23 -2.37 -8.82
C TYR C 34 28.49 -1.47 -10.02
N PRO C 35 29.27 -1.95 -11.01
CA PRO C 35 29.92 -3.26 -11.03
C PRO C 35 31.18 -3.30 -10.17
N PRO C 36 31.72 -4.52 -9.91
CA PRO C 36 32.92 -4.77 -9.11
C PRO C 36 34.10 -3.82 -9.29
N GLU C 37 34.26 -3.28 -10.49
CA GLU C 37 35.38 -2.37 -10.76
C GLU C 37 35.19 -0.97 -10.21
N THR C 38 34.00 -0.67 -9.70
CA THR C 38 33.75 0.65 -9.13
C THR C 38 34.41 0.73 -7.76
N ALA C 39 34.76 -0.43 -7.20
CA ALA C 39 35.40 -0.47 -5.87
C ALA C 39 36.68 0.36 -5.79
N LYS C 40 37.29 0.65 -6.92
CA LYS C 40 38.51 1.44 -6.92
C LYS C 40 38.21 2.93 -6.92
N LEU C 41 36.95 3.28 -7.13
CA LEU C 41 36.53 4.69 -7.16
C LEU C 41 36.09 5.20 -5.81
N PRO C 42 36.26 6.52 -5.56
CA PRO C 42 35.83 7.04 -4.27
C PRO C 42 34.30 7.11 -4.23
N HIS C 43 33.73 6.82 -3.06
CA HIS C 43 32.29 6.88 -2.87
C HIS C 43 32.01 8.03 -1.93
N ILE C 44 31.34 9.06 -2.45
CA ILE C 44 31.05 10.23 -1.66
C ILE C 44 29.56 10.59 -1.63
N GLY C 45 29.04 10.77 -0.42
CA GLY C 45 27.63 11.12 -0.26
C GLY C 45 26.61 10.12 -0.75
N TYR C 46 25.38 10.61 -0.83
CA TYR C 46 24.23 9.84 -1.29
C TYR C 46 23.51 10.76 -2.26
N TRP C 47 22.78 10.20 -3.21
CA TRP C 47 22.08 11.06 -4.16
C TRP C 47 21.05 11.90 -3.40
N LYS C 48 20.56 11.37 -2.29
CA LYS C 48 19.60 12.08 -1.45
C LYS C 48 20.29 13.08 -0.53
N GLN C 49 21.61 13.01 -0.45
CA GLN C 49 22.41 13.93 0.38
C GLN C 49 23.77 14.19 -0.28
N LEU C 50 23.75 14.98 -1.35
CA LEU C 50 24.97 15.28 -2.07
C LEU C 50 25.95 16.12 -1.27
N SER C 51 27.23 15.95 -1.58
CA SER C 51 28.30 16.69 -0.94
C SER C 51 28.97 17.58 -1.98
N SER C 52 28.80 18.88 -1.87
CA SER C 52 29.42 19.81 -2.81
C SER C 52 30.93 19.64 -2.83
N GLU C 53 31.54 19.74 -1.66
CA GLU C 53 32.99 19.61 -1.55
C GLU C 53 33.49 18.25 -2.01
N GLY C 54 32.79 17.19 -1.59
CA GLY C 54 33.20 15.86 -1.97
C GLY C 54 33.16 15.67 -3.48
N ILE C 55 32.09 16.16 -4.11
CA ILE C 55 31.95 16.03 -5.55
C ILE C 55 32.99 16.88 -6.33
N LEU C 56 33.11 18.15 -5.96
CA LEU C 56 34.05 19.05 -6.62
C LEU C 56 35.51 18.66 -6.43
N SER C 57 35.83 18.08 -5.27
CA SER C 57 37.20 17.70 -5.01
C SER C 57 37.67 16.71 -6.08
N LEU C 58 36.71 16.12 -6.80
CA LEU C 58 37.02 15.16 -7.85
C LEU C 58 37.17 15.78 -9.25
N ARG C 59 37.06 17.11 -9.35
CA ARG C 59 37.21 17.77 -10.64
C ARG C 59 36.31 17.12 -11.70
N PRO C 60 34.99 17.09 -11.47
CA PRO C 60 34.10 16.48 -12.45
C PRO C 60 33.76 17.44 -13.57
N ASP C 61 33.49 16.90 -14.76
CA ASP C 61 33.10 17.73 -15.90
C ASP C 61 31.57 17.78 -15.84
N SER C 62 30.98 16.65 -15.44
CA SER C 62 29.54 16.56 -15.33
C SER C 62 29.15 15.66 -14.16
N VAL C 63 27.95 15.89 -13.64
CA VAL C 63 27.41 15.12 -12.54
C VAL C 63 26.09 14.50 -13.01
N ILE C 64 25.96 13.18 -12.90
CA ILE C 64 24.72 12.54 -13.32
C ILE C 64 23.96 11.98 -12.12
N THR C 65 22.71 12.40 -11.96
CA THR C 65 21.91 11.92 -10.85
C THR C 65 20.42 12.02 -11.07
N TRP C 66 19.66 11.66 -10.04
CA TRP C 66 18.20 11.70 -10.12
C TRP C 66 17.67 13.11 -9.99
N GLN C 67 16.52 13.33 -10.61
CA GLN C 67 15.87 14.62 -10.59
C GLN C 67 15.51 15.04 -9.18
N ASP C 68 15.24 14.10 -8.29
CA ASP C 68 14.92 14.48 -6.93
C ASP C 68 16.11 14.33 -5.98
N ALA C 69 17.31 14.29 -6.54
CA ALA C 69 18.52 14.21 -5.72
C ALA C 69 18.61 15.55 -4.98
N GLY C 70 19.33 15.56 -3.86
CA GLY C 70 19.44 16.81 -3.11
C GLY C 70 20.59 16.80 -2.13
N PRO C 71 20.78 17.91 -1.39
CA PRO C 71 19.96 19.12 -1.47
C PRO C 71 20.07 19.87 -2.81
N GLN C 72 18.98 20.53 -3.18
CA GLN C 72 18.91 21.29 -4.42
C GLN C 72 19.99 22.37 -4.47
N ILE C 73 20.29 22.96 -3.32
CA ILE C 73 21.29 24.01 -3.26
C ILE C 73 22.65 23.44 -3.70
N VAL C 74 22.86 22.14 -3.51
CA VAL C 74 24.13 21.56 -3.93
C VAL C 74 24.18 21.47 -5.47
N LEU C 75 23.04 21.16 -6.09
CA LEU C 75 23.01 21.08 -7.54
C LEU C 75 23.27 22.51 -8.09
N ASP C 76 22.71 23.50 -7.42
CA ASP C 76 22.91 24.86 -7.85
C ASP C 76 24.40 25.18 -7.76
N GLN C 77 25.02 24.88 -6.62
CA GLN C 77 26.46 25.12 -6.44
C GLN C 77 27.27 24.50 -7.56
N LEU C 78 27.01 23.23 -7.86
CA LEU C 78 27.74 22.53 -8.93
C LEU C 78 27.59 23.20 -10.29
N ARG C 79 26.39 23.71 -10.58
CA ARG C 79 26.16 24.36 -11.85
C ARG C 79 26.88 25.70 -11.84
N ALA C 80 26.94 26.34 -10.66
CA ALA C 80 27.61 27.62 -10.53
C ALA C 80 29.10 27.38 -10.77
N GLN C 81 29.58 26.20 -10.40
CA GLN C 81 30.98 25.87 -10.59
C GLN C 81 31.24 25.39 -12.02
N LYS C 82 30.28 25.66 -12.90
CA LYS C 82 30.42 25.29 -14.31
C LYS C 82 30.35 23.79 -14.55
N VAL C 83 29.86 23.03 -13.58
CA VAL C 83 29.77 21.59 -13.77
C VAL C 83 28.47 21.27 -14.49
N ASN C 84 28.54 20.41 -15.49
CA ASN C 84 27.35 20.03 -16.23
C ASN C 84 26.53 19.04 -15.41
N VAL C 85 25.43 19.49 -14.84
CA VAL C 85 24.58 18.59 -14.06
C VAL C 85 23.47 18.04 -14.94
N VAL C 86 23.35 16.71 -14.95
CA VAL C 86 22.34 16.01 -15.73
C VAL C 86 21.45 15.18 -14.82
N THR C 87 20.13 15.35 -14.93
CA THR C 87 19.22 14.59 -14.09
C THR C 87 18.20 13.80 -14.90
N LEU C 88 17.81 12.67 -14.33
CA LEU C 88 16.82 11.79 -14.93
C LEU C 88 15.71 11.53 -13.92
N PRO C 89 14.49 11.27 -14.40
CA PRO C 89 13.39 11.00 -13.47
C PRO C 89 13.46 9.53 -13.02
N ARG C 90 13.42 9.27 -11.72
CA ARG C 90 13.48 7.88 -11.25
C ARG C 90 12.07 7.35 -11.02
N VAL C 91 11.09 8.21 -11.23
CA VAL C 91 9.68 7.82 -11.09
C VAL C 91 8.99 8.18 -12.40
N PRO C 92 8.08 7.31 -12.89
CA PRO C 92 7.72 6.04 -12.26
C PRO C 92 8.70 4.91 -12.57
N ALA C 93 8.56 3.80 -11.86
CA ALA C 93 9.41 2.64 -12.07
C ALA C 93 8.79 1.78 -13.17
N THR C 94 8.98 2.19 -14.41
CA THR C 94 8.44 1.45 -15.54
C THR C 94 9.53 1.24 -16.57
N LEU C 95 9.34 0.26 -17.45
CA LEU C 95 10.31 -0.01 -18.50
C LEU C 95 10.39 1.18 -19.44
N GLU C 96 9.23 1.78 -19.70
CA GLU C 96 9.18 2.92 -20.58
C GLU C 96 10.08 4.03 -20.07
N GLN C 97 10.00 4.34 -18.78
CA GLN C 97 10.84 5.41 -18.23
C GLN C 97 12.32 5.00 -18.22
N MET C 98 12.59 3.74 -17.89
CA MET C 98 13.96 3.24 -17.85
C MET C 98 14.60 3.39 -19.23
N TYR C 99 13.96 2.84 -20.26
CA TYR C 99 14.47 2.94 -21.64
C TYR C 99 14.68 4.41 -21.98
N ALA C 100 13.72 5.26 -21.64
CA ALA C 100 13.85 6.69 -21.92
C ALA C 100 15.09 7.24 -21.21
N ASN C 101 15.28 6.84 -19.95
CA ASN C 101 16.44 7.31 -19.19
C ASN C 101 17.72 6.78 -19.84
N ILE C 102 17.72 5.49 -20.20
CA ILE C 102 18.89 4.91 -20.85
C ILE C 102 19.22 5.70 -22.11
N ARG C 103 18.19 6.07 -22.86
CA ARG C 103 18.39 6.83 -24.09
C ARG C 103 18.89 8.24 -23.82
N GLN C 104 18.33 8.89 -22.81
CA GLN C 104 18.76 10.24 -22.45
C GLN C 104 20.24 10.14 -22.10
N LEU C 105 20.59 9.08 -21.37
CA LEU C 105 21.98 8.89 -20.97
C LEU C 105 22.89 8.65 -22.18
N ALA C 106 22.57 7.64 -22.97
CA ALA C 106 23.35 7.30 -24.15
C ALA C 106 23.60 8.53 -25.02
N LYS C 107 22.59 9.39 -25.14
CA LYS C 107 22.72 10.59 -25.94
C LYS C 107 23.72 11.54 -25.28
N THR C 108 23.42 11.91 -24.03
CA THR C 108 24.27 12.80 -23.26
C THR C 108 25.73 12.37 -23.32
N LEU C 109 25.97 11.07 -23.17
CA LEU C 109 27.32 10.51 -23.18
C LEU C 109 27.85 10.21 -24.58
N GLN C 110 27.01 10.44 -25.59
CA GLN C 110 27.38 10.19 -26.98
C GLN C 110 27.74 8.75 -27.27
N VAL C 111 26.80 7.86 -26.95
CA VAL C 111 26.95 6.43 -27.19
C VAL C 111 25.55 5.86 -27.43
N PRO C 112 24.77 6.52 -28.29
CA PRO C 112 23.40 6.12 -28.62
C PRO C 112 23.27 4.66 -29.05
N GLU C 113 24.26 4.18 -29.80
CA GLU C 113 24.25 2.81 -30.27
C GLU C 113 24.18 1.84 -29.10
N GLN C 114 25.16 1.94 -28.21
CA GLN C 114 25.21 1.09 -27.02
C GLN C 114 23.91 1.26 -26.26
N GLY C 115 23.38 2.48 -26.28
CA GLY C 115 22.12 2.74 -25.60
C GLY C 115 21.02 1.86 -26.18
N ASP C 116 20.81 1.99 -27.49
CA ASP C 116 19.78 1.20 -28.17
C ASP C 116 20.02 -0.30 -27.97
N ALA C 117 21.27 -0.73 -28.10
CA ALA C 117 21.61 -2.14 -27.94
C ALA C 117 21.18 -2.64 -26.55
N LEU C 118 21.60 -1.92 -25.50
CA LEU C 118 21.24 -2.28 -24.13
C LEU C 118 19.72 -2.40 -24.01
N VAL C 119 18.99 -1.43 -24.53
CA VAL C 119 17.53 -1.47 -24.48
C VAL C 119 17.04 -2.75 -25.13
N THR C 120 17.54 -3.03 -26.33
CA THR C 120 17.16 -4.23 -27.07
C THR C 120 17.37 -5.50 -26.25
N GLN C 121 18.62 -5.71 -25.82
CA GLN C 121 18.99 -6.87 -25.03
C GLN C 121 18.05 -7.11 -23.85
N ILE C 122 17.79 -6.06 -23.08
CA ILE C 122 16.91 -6.16 -21.92
C ILE C 122 15.49 -6.54 -22.34
N ASN C 123 14.88 -5.73 -23.21
CA ASN C 123 13.50 -5.98 -23.66
C ASN C 123 13.26 -7.38 -24.20
N GLN C 124 14.22 -7.89 -24.98
CA GLN C 124 14.09 -9.22 -25.55
C GLN C 124 14.05 -10.29 -24.47
N ARG C 125 14.96 -10.18 -23.51
CA ARG C 125 15.00 -11.14 -22.41
C ARG C 125 13.70 -11.08 -21.59
N LEU C 126 13.26 -9.87 -21.27
CA LEU C 126 12.02 -9.73 -20.50
C LEU C 126 10.86 -10.30 -21.30
N GLU C 127 10.91 -10.11 -22.61
CA GLU C 127 9.88 -10.58 -23.52
C GLU C 127 9.71 -12.10 -23.42
N ARG C 128 10.82 -12.82 -23.39
CA ARG C 128 10.79 -14.28 -23.27
C ARG C 128 9.95 -14.68 -22.07
N VAL C 129 10.33 -14.15 -20.91
CA VAL C 129 9.63 -14.45 -19.67
C VAL C 129 8.16 -14.10 -19.80
N GLN C 130 7.88 -12.94 -20.40
CA GLN C 130 6.51 -12.48 -20.60
C GLN C 130 5.66 -13.52 -21.35
N GLN C 131 6.22 -14.07 -22.42
CA GLN C 131 5.51 -15.08 -23.20
C GLN C 131 5.38 -16.38 -22.40
N ASN C 132 6.42 -16.69 -21.63
CA ASN C 132 6.45 -17.89 -20.80
C ASN C 132 5.36 -17.79 -19.74
N VAL C 133 5.15 -16.58 -19.24
CA VAL C 133 4.14 -16.32 -18.22
C VAL C 133 2.75 -16.41 -18.83
N ALA C 134 2.59 -15.80 -20.00
CA ALA C 134 1.31 -15.81 -20.71
C ALA C 134 0.81 -17.24 -20.76
N ALA C 135 1.75 -18.18 -20.93
CA ALA C 135 1.42 -19.61 -20.99
C ALA C 135 0.61 -19.99 -19.76
N LYS C 136 1.15 -19.66 -18.59
CA LYS C 136 0.49 -19.94 -17.32
C LYS C 136 -0.91 -19.34 -17.37
N LYS C 137 -1.77 -19.70 -16.42
CA LYS C 137 -3.12 -19.17 -16.39
C LYS C 137 -3.42 -18.26 -15.21
N ALA C 138 -2.77 -18.50 -14.08
CA ALA C 138 -2.99 -17.69 -12.89
C ALA C 138 -1.72 -17.02 -12.37
N PRO C 139 -1.64 -15.69 -12.47
CA PRO C 139 -0.47 -14.97 -11.99
C PRO C 139 -0.38 -15.20 -10.48
N VAL C 140 0.78 -15.62 -10.01
CA VAL C 140 0.96 -15.89 -8.58
C VAL C 140 0.81 -14.64 -7.71
N LYS C 141 -0.09 -14.70 -6.74
CA LYS C 141 -0.28 -13.58 -5.82
C LYS C 141 0.97 -13.59 -4.96
N ALA C 142 1.63 -12.44 -4.89
CA ALA C 142 2.87 -12.36 -4.13
C ALA C 142 3.00 -11.05 -3.38
N MET C 143 4.12 -10.91 -2.70
CA MET C 143 4.41 -9.73 -1.92
C MET C 143 5.90 -9.67 -1.63
N PHE C 144 6.44 -8.46 -1.56
CA PHE C 144 7.85 -8.26 -1.27
C PHE C 144 7.96 -7.44 0.00
N ILE C 145 8.74 -7.92 0.96
CA ILE C 145 8.92 -7.21 2.22
C ILE C 145 10.35 -6.74 2.34
N LEU C 146 10.52 -5.47 2.63
CA LEU C 146 11.84 -4.90 2.71
C LEU C 146 12.12 -4.16 4.00
N SER C 147 13.40 -4.08 4.31
CA SER C 147 13.92 -3.34 5.45
C SER C 147 15.11 -2.57 4.90
N ALA C 148 14.98 -1.25 4.84
CA ALA C 148 16.05 -0.41 4.34
C ALA C 148 16.09 0.89 5.12
N GLY C 149 17.30 1.42 5.30
CA GLY C 149 17.46 2.66 6.02
C GLY C 149 17.11 2.57 7.49
N GLY C 150 17.25 1.38 8.06
CA GLY C 150 16.94 1.18 9.47
C GLY C 150 15.44 1.23 9.75
N SER C 151 14.62 1.08 8.72
CA SER C 151 13.18 1.13 8.90
C SER C 151 12.63 -0.25 9.30
N ALA C 152 11.44 -0.24 9.89
CA ALA C 152 10.78 -1.47 10.27
C ALA C 152 10.48 -2.15 8.93
N PRO C 153 10.20 -3.46 8.96
CA PRO C 153 9.91 -4.13 7.69
C PRO C 153 8.66 -3.55 7.01
N GLN C 154 8.73 -3.37 5.69
CA GLN C 154 7.60 -2.80 4.96
C GLN C 154 7.29 -3.53 3.67
N VAL C 155 6.02 -3.52 3.32
CA VAL C 155 5.55 -4.19 2.11
C VAL C 155 5.64 -3.27 0.91
N ALA C 156 6.24 -3.76 -0.17
CA ALA C 156 6.39 -2.97 -1.37
C ALA C 156 5.02 -2.68 -1.97
N GLY C 157 4.76 -1.41 -2.26
CA GLY C 157 3.48 -1.07 -2.83
C GLY C 157 3.53 -0.86 -4.32
N LYS C 158 2.41 -0.40 -4.87
CA LYS C 158 2.33 -0.13 -6.28
C LYS C 158 3.26 1.08 -6.48
N GLY C 159 3.89 1.18 -7.63
CA GLY C 159 4.77 2.31 -7.86
C GLY C 159 6.21 2.03 -7.49
N SER C 160 6.43 1.05 -6.62
CA SER C 160 7.79 0.68 -6.21
C SER C 160 8.50 -0.09 -7.32
N VAL C 161 9.83 -0.13 -7.25
CA VAL C 161 10.62 -0.88 -8.22
C VAL C 161 10.31 -2.36 -8.06
N ALA C 162 10.26 -2.82 -6.81
CA ALA C 162 9.98 -4.22 -6.52
C ALA C 162 8.67 -4.70 -7.17
N ASP C 163 7.64 -3.84 -7.17
CA ASP C 163 6.35 -4.17 -7.76
C ASP C 163 6.49 -4.39 -9.26
N ALA C 164 7.28 -3.54 -9.93
CA ALA C 164 7.51 -3.66 -11.36
C ALA C 164 8.22 -4.97 -11.66
N ILE C 165 9.20 -5.33 -10.85
CA ILE C 165 9.94 -6.56 -11.05
C ILE C 165 9.05 -7.79 -10.80
N LEU C 166 8.21 -7.72 -9.77
CA LEU C 166 7.31 -8.83 -9.49
C LEU C 166 6.37 -9.04 -10.67
N SER C 167 5.92 -7.95 -11.27
CA SER C 167 5.01 -8.03 -12.41
C SER C 167 5.71 -8.64 -13.61
N LEU C 168 6.89 -8.12 -13.93
CA LEU C 168 7.67 -8.61 -15.06
C LEU C 168 8.00 -10.10 -14.91
N ALA C 169 7.98 -10.60 -13.69
CA ALA C 169 8.30 -12.01 -13.45
C ALA C 169 7.07 -12.91 -13.52
N GLY C 170 5.89 -12.30 -13.57
CA GLY C 170 4.66 -13.06 -13.66
C GLY C 170 3.87 -13.13 -12.37
N ALA C 171 4.14 -12.23 -11.44
CA ALA C 171 3.43 -12.26 -10.15
C ALA C 171 2.47 -11.10 -9.97
N GLU C 172 1.39 -11.34 -9.25
CA GLU C 172 0.43 -10.30 -8.96
C GLU C 172 0.75 -9.81 -7.56
N ASN C 173 1.04 -8.52 -7.40
CA ASN C 173 1.35 -7.96 -6.11
C ASN C 173 0.05 -7.71 -5.32
N VAL C 174 -0.06 -8.33 -4.15
CA VAL C 174 -1.23 -8.19 -3.31
C VAL C 174 -1.31 -6.86 -2.56
N ALA C 175 -0.20 -6.13 -2.53
CA ALA C 175 -0.22 -4.84 -1.84
C ALA C 175 -1.16 -3.91 -2.61
N THR C 176 -1.99 -3.17 -1.88
CA THR C 176 -2.91 -2.24 -2.54
C THR C 176 -2.72 -0.84 -1.98
N HIS C 177 -1.48 -0.39 -2.02
CA HIS C 177 -1.10 0.93 -1.54
C HIS C 177 0.05 1.36 -2.42
N GLN C 178 0.26 2.67 -2.56
CA GLN C 178 1.37 3.16 -3.37
C GLN C 178 2.60 3.17 -2.48
N GLN C 179 3.76 2.83 -3.03
CA GLN C 179 5.00 2.79 -2.23
C GLN C 179 4.96 1.81 -1.04
N TYR C 180 5.90 1.97 -0.12
CA TYR C 180 6.01 1.07 1.04
C TYR C 180 5.20 1.46 2.28
N LYS C 181 4.72 0.44 3.00
CA LYS C 181 3.95 0.64 4.22
C LYS C 181 4.19 -0.51 5.21
N SER C 182 4.19 -0.19 6.50
CA SER C 182 4.36 -1.21 7.53
C SER C 182 3.02 -1.94 7.70
N TYR C 183 3.06 -3.26 7.64
CA TYR C 183 1.85 -4.05 7.80
C TYR C 183 1.77 -4.67 9.17
N SER C 184 0.59 -4.59 9.79
CA SER C 184 0.36 -5.21 11.09
C SER C 184 0.23 -6.70 10.76
N ALA C 185 0.38 -7.56 11.75
CA ALA C 185 0.27 -9.01 11.52
C ALA C 185 -1.04 -9.33 10.81
N GLU C 186 -2.11 -8.75 11.32
CA GLU C 186 -3.44 -8.95 10.77
C GLU C 186 -3.55 -8.60 9.28
N SER C 187 -2.95 -7.48 8.89
CA SER C 187 -2.98 -7.06 7.48
C SER C 187 -2.13 -7.98 6.61
N LEU C 188 -1.00 -8.46 7.14
CA LEU C 188 -0.13 -9.32 6.35
C LEU C 188 -0.80 -10.67 6.14
N ILE C 189 -1.37 -11.21 7.21
CA ILE C 189 -2.07 -12.49 7.14
C ILE C 189 -3.28 -12.42 6.20
N ALA C 190 -4.02 -11.32 6.27
CA ALA C 190 -5.20 -11.13 5.42
C ALA C 190 -4.83 -10.93 3.95
N ALA C 191 -3.64 -10.40 3.69
CA ALA C 191 -3.23 -10.20 2.30
C ALA C 191 -3.11 -11.57 1.66
N ASN C 192 -2.83 -12.57 2.49
CA ASN C 192 -2.69 -13.96 2.08
C ASN C 192 -2.12 -14.19 0.70
N PRO C 193 -0.80 -13.93 0.52
CA PRO C 193 -0.20 -14.14 -0.80
C PRO C 193 0.22 -15.60 -0.93
N GLU C 194 0.40 -16.08 -2.15
CA GLU C 194 0.83 -17.46 -2.35
C GLU C 194 2.31 -17.54 -1.95
N VAL C 195 3.07 -16.54 -2.39
CA VAL C 195 4.51 -16.46 -2.15
C VAL C 195 4.90 -15.11 -1.54
N ILE C 196 5.95 -15.12 -0.73
CA ILE C 196 6.45 -13.89 -0.13
C ILE C 196 7.94 -13.82 -0.47
N VAL C 197 8.35 -12.69 -1.04
CA VAL C 197 9.75 -12.49 -1.41
C VAL C 197 10.43 -11.61 -0.37
N VAL C 198 11.68 -11.95 -0.05
CA VAL C 198 12.45 -11.18 0.91
C VAL C 198 13.89 -11.11 0.41
N THR C 199 14.68 -10.23 0.98
CA THR C 199 16.06 -10.10 0.54
C THR C 199 16.95 -11.13 1.21
N SER C 200 18.05 -11.46 0.54
CA SER C 200 19.02 -12.42 1.04
C SER C 200 19.72 -11.77 2.23
N GLN C 201 19.88 -10.45 2.16
CA GLN C 201 20.52 -9.71 3.22
C GLN C 201 19.75 -9.88 4.53
N MET C 202 18.42 -9.90 4.44
CA MET C 202 17.58 -10.04 5.63
C MET C 202 17.56 -11.46 6.17
N VAL C 203 17.49 -12.44 5.28
CA VAL C 203 17.48 -13.84 5.68
C VAL C 203 18.84 -14.27 6.21
N ASP C 204 19.90 -13.74 5.60
CA ASP C 204 21.24 -14.06 6.02
C ASP C 204 21.40 -15.59 6.03
N GLY C 205 21.78 -16.15 7.17
CA GLY C 205 21.97 -17.58 7.25
C GLY C 205 20.87 -18.33 7.99
N ASP C 206 19.87 -17.60 8.49
CA ASP C 206 18.80 -18.24 9.24
C ASP C 206 17.39 -17.67 9.03
N ILE C 207 16.52 -18.53 8.51
CA ILE C 207 15.14 -18.17 8.23
C ILE C 207 14.40 -17.68 9.48
N ASN C 208 14.85 -18.11 10.64
CA ASN C 208 14.21 -17.70 11.87
C ASN C 208 14.34 -16.21 12.18
N ARG C 209 15.31 -15.55 11.57
CA ARG C 209 15.49 -14.11 11.79
C ARG C 209 14.24 -13.31 11.37
N LEU C 210 13.45 -13.88 10.46
CA LEU C 210 12.26 -13.21 9.96
C LEU C 210 11.07 -13.29 10.91
N ARG C 211 11.23 -14.00 12.02
CA ARG C 211 10.13 -14.14 12.95
C ARG C 211 9.69 -12.85 13.62
N SER C 212 10.52 -11.81 13.51
CA SER C 212 10.17 -10.53 14.11
C SER C 212 9.29 -9.68 13.18
N ILE C 213 8.99 -10.20 11.99
CA ILE C 213 8.12 -9.50 11.04
C ILE C 213 6.69 -9.85 11.47
N ALA C 214 5.92 -8.83 11.86
CA ALA C 214 4.57 -9.08 12.34
C ALA C 214 3.71 -9.93 11.41
N GLY C 215 3.28 -11.07 11.93
CA GLY C 215 2.40 -11.97 11.19
C GLY C 215 2.96 -12.90 10.12
N ILE C 216 4.21 -12.72 9.72
CA ILE C 216 4.76 -13.56 8.66
C ILE C 216 4.70 -15.07 8.93
N THR C 217 4.78 -15.42 10.21
CA THR C 217 4.77 -16.81 10.64
C THR C 217 3.40 -17.46 10.50
N HIS C 218 2.36 -16.66 10.36
CA HIS C 218 1.02 -17.21 10.21
C HIS C 218 0.47 -17.08 8.80
N THR C 219 1.34 -16.78 7.85
CA THR C 219 0.89 -16.63 6.49
C THR C 219 0.95 -17.97 5.78
N ALA C 220 0.10 -18.13 4.77
CA ALA C 220 0.06 -19.37 4.02
C ALA C 220 1.43 -19.62 3.40
N ALA C 221 2.06 -18.57 2.91
CA ALA C 221 3.37 -18.68 2.27
C ALA C 221 4.46 -19.26 3.17
N TRP C 222 4.46 -18.86 4.44
CA TRP C 222 5.46 -19.34 5.40
C TRP C 222 5.17 -20.80 5.74
N LYS C 223 3.89 -21.12 5.94
CA LYS C 223 3.49 -22.48 6.27
C LYS C 223 3.81 -23.42 5.12
N ASN C 224 3.54 -22.95 3.90
CA ASN C 224 3.78 -23.74 2.69
C ASN C 224 5.19 -23.66 2.13
N GLN C 225 6.11 -23.10 2.90
CA GLN C 225 7.50 -22.99 2.46
C GLN C 225 7.69 -22.23 1.15
N ARG C 226 6.90 -21.17 0.94
CA ARG C 226 7.01 -20.36 -0.28
C ARG C 226 7.61 -18.98 -0.01
N ILE C 227 8.82 -18.97 0.55
CA ILE C 227 9.49 -17.71 0.82
C ILE C 227 10.74 -17.57 -0.03
N ILE C 228 10.60 -16.85 -1.13
CA ILE C 228 11.68 -16.63 -2.06
C ILE C 228 12.67 -15.57 -1.58
N THR C 229 13.93 -15.75 -1.95
CA THR C 229 15.00 -14.83 -1.57
C THR C 229 15.61 -14.14 -2.79
N VAL C 230 15.70 -12.82 -2.74
CA VAL C 230 16.28 -12.04 -3.83
C VAL C 230 17.33 -11.12 -3.26
N ASP C 231 18.24 -10.66 -4.10
CA ASP C 231 19.29 -9.77 -3.65
C ASP C 231 18.77 -8.34 -3.57
N GLN C 232 18.79 -7.75 -2.38
CA GLN C 232 18.29 -6.39 -2.19
C GLN C 232 18.88 -5.40 -3.17
N ASN C 233 20.10 -5.65 -3.63
CA ASN C 233 20.76 -4.75 -4.58
C ASN C 233 20.11 -4.77 -5.96
N LEU C 234 19.25 -5.76 -6.21
CA LEU C 234 18.59 -5.88 -7.52
C LEU C 234 17.14 -5.46 -7.53
N ILE C 235 16.58 -5.08 -6.39
CA ILE C 235 15.16 -4.67 -6.33
C ILE C 235 14.89 -3.26 -5.85
N LEU C 236 15.91 -2.41 -5.81
CA LEU C 236 15.73 -1.04 -5.35
C LEU C 236 15.84 -0.06 -6.51
N GLY C 237 16.31 -0.56 -7.66
CA GLY C 237 16.45 0.28 -8.83
C GLY C 237 16.32 -0.51 -10.12
N MET C 238 16.15 0.18 -11.23
CA MET C 238 16.01 -0.49 -12.51
C MET C 238 17.30 -0.37 -13.30
N GLY C 239 18.12 -1.41 -13.23
CA GLY C 239 19.40 -1.41 -13.93
C GLY C 239 19.50 -2.47 -15.00
N PRO C 240 20.69 -2.63 -15.60
CA PRO C 240 20.95 -3.62 -16.65
C PRO C 240 20.76 -5.06 -16.20
N ARG C 241 20.73 -5.27 -14.89
CA ARG C 241 20.56 -6.62 -14.36
C ARG C 241 19.11 -6.97 -14.12
N ILE C 242 18.20 -6.10 -14.55
CA ILE C 242 16.79 -6.35 -14.32
C ILE C 242 16.33 -7.68 -14.91
N ALA C 243 16.85 -8.02 -16.09
CA ALA C 243 16.47 -9.26 -16.73
C ALA C 243 16.92 -10.46 -15.91
N ASP C 244 18.07 -10.34 -15.25
CA ASP C 244 18.57 -11.44 -14.43
C ASP C 244 17.66 -11.72 -13.24
N VAL C 245 17.30 -10.67 -12.50
CA VAL C 245 16.44 -10.86 -11.35
C VAL C 245 15.02 -11.27 -11.77
N VAL C 246 14.56 -10.76 -12.91
CA VAL C 246 13.22 -11.13 -13.37
C VAL C 246 13.17 -12.63 -13.65
N GLU C 247 14.19 -13.11 -14.36
CA GLU C 247 14.29 -14.53 -14.71
C GLU C 247 14.34 -15.40 -13.46
N SER C 248 15.31 -15.12 -12.61
CA SER C 248 15.48 -15.86 -11.37
C SER C 248 14.16 -15.91 -10.60
N LEU C 249 13.58 -14.74 -10.38
CA LEU C 249 12.32 -14.64 -9.65
C LEU C 249 11.26 -15.50 -10.33
N HIS C 250 11.23 -15.44 -11.66
CA HIS C 250 10.26 -16.21 -12.44
C HIS C 250 10.41 -17.73 -12.26
N GLN C 251 11.64 -18.19 -12.06
CA GLN C 251 11.90 -19.61 -11.87
C GLN C 251 11.35 -20.07 -10.53
N GLN C 252 11.66 -19.28 -9.50
CA GLN C 252 11.22 -19.58 -8.14
C GLN C 252 9.71 -19.47 -7.97
N LEU C 253 9.05 -18.74 -8.85
CA LEU C 253 7.60 -18.62 -8.77
C LEU C 253 6.93 -19.83 -9.42
N TRP C 254 7.67 -20.49 -10.31
CA TRP C 254 7.19 -21.68 -11.01
C TRP C 254 8.34 -22.67 -11.16
N PRO C 255 8.77 -23.28 -10.03
CA PRO C 255 9.87 -24.25 -10.00
C PRO C 255 9.70 -25.43 -10.96
N GLN C 256 10.75 -26.22 -11.10
CA GLN C 256 10.75 -27.40 -11.96
C GLN C 256 10.53 -27.08 -13.43
N ALA D 2 -26.84 -2.22 28.36
CA ALA D 2 -26.93 -3.65 27.94
C ALA D 2 -25.94 -4.02 26.82
N GLU D 3 -26.10 -5.23 26.29
CA GLU D 3 -25.25 -5.78 25.23
C GLU D 3 -25.10 -4.88 24.00
N ARG D 4 -23.86 -4.70 23.57
CA ARG D 4 -23.55 -3.89 22.40
C ARG D 4 -23.25 -4.84 21.24
N ILE D 5 -24.00 -4.70 20.15
CA ILE D 5 -23.83 -5.56 18.99
C ILE D 5 -23.46 -4.86 17.69
N VAL D 6 -22.51 -5.44 16.96
CA VAL D 6 -22.10 -4.92 15.67
C VAL D 6 -22.53 -6.01 14.67
N VAL D 7 -23.26 -5.63 13.64
CA VAL D 7 -23.73 -6.60 12.65
C VAL D 7 -23.12 -6.36 11.28
N ALA D 8 -22.71 -7.43 10.61
CA ALA D 8 -22.15 -7.29 9.27
C ALA D 8 -22.96 -8.18 8.33
N GLY D 9 -23.77 -7.54 7.49
CA GLY D 9 -24.62 -8.26 6.56
C GLY D 9 -26.03 -7.70 6.68
N GLY D 10 -26.45 -6.95 5.68
CA GLY D 10 -27.77 -6.32 5.68
C GLY D 10 -28.97 -7.15 6.12
N SER D 11 -29.09 -8.35 5.57
CA SER D 11 -30.19 -9.25 5.90
C SER D 11 -30.18 -9.60 7.39
N LEU D 12 -28.98 -9.81 7.93
CA LEU D 12 -28.83 -10.14 9.33
C LEU D 12 -29.26 -8.95 10.17
N THR D 13 -28.84 -7.75 9.78
CA THR D 13 -29.23 -6.56 10.50
C THR D 13 -30.76 -6.45 10.54
N GLU D 14 -31.41 -6.68 9.39
CA GLU D 14 -32.86 -6.62 9.29
C GLU D 14 -33.52 -7.66 10.19
N LEU D 15 -33.01 -8.89 10.14
CA LEU D 15 -33.57 -9.95 10.97
C LEU D 15 -33.47 -9.60 12.45
N ILE D 16 -32.34 -9.04 12.88
CA ILE D 16 -32.17 -8.66 14.27
C ILE D 16 -33.19 -7.63 14.73
N TYR D 17 -33.45 -6.61 13.90
CA TYR D 17 -34.43 -5.57 14.26
C TYR D 17 -35.86 -6.08 14.20
N ALA D 18 -36.13 -6.94 13.21
CA ALA D 18 -37.47 -7.47 13.04
C ALA D 18 -37.88 -8.29 14.26
N MET D 19 -36.89 -8.75 15.03
CA MET D 19 -37.19 -9.54 16.22
C MET D 19 -37.07 -8.78 17.54
N GLY D 20 -37.06 -7.46 17.45
CA GLY D 20 -36.97 -6.64 18.65
C GLY D 20 -35.68 -6.80 19.43
N ALA D 21 -34.57 -6.38 18.81
CA ALA D 21 -33.25 -6.44 19.44
C ALA D 21 -32.42 -5.33 18.85
N GLY D 22 -33.04 -4.52 18.01
CA GLY D 22 -32.34 -3.42 17.39
C GLY D 22 -31.80 -2.47 18.45
N GLU D 23 -32.26 -2.63 19.68
CA GLU D 23 -31.83 -1.78 20.79
C GLU D 23 -30.35 -1.94 21.04
N ARG D 24 -29.89 -3.18 20.98
CA ARG D 24 -28.50 -3.54 21.23
C ARG D 24 -27.47 -3.20 20.15
N VAL D 25 -27.95 -2.89 18.95
CA VAL D 25 -27.05 -2.61 17.84
C VAL D 25 -26.37 -1.24 17.88
N VAL D 26 -25.04 -1.27 17.91
CA VAL D 26 -24.24 -0.04 17.97
C VAL D 26 -23.52 0.23 16.65
N GLY D 27 -23.43 -0.77 15.78
CA GLY D 27 -22.76 -0.59 14.51
C GLY D 27 -23.17 -1.61 13.47
N VAL D 28 -23.14 -1.22 12.20
CA VAL D 28 -23.49 -2.10 11.11
C VAL D 28 -22.47 -1.95 10.01
N ASP D 29 -22.58 -2.78 8.97
CA ASP D 29 -21.65 -2.70 7.86
C ASP D 29 -22.30 -1.93 6.72
N GLU D 30 -21.57 -1.75 5.63
CA GLU D 30 -22.11 -0.98 4.51
C GLU D 30 -23.21 -1.66 3.68
N THR D 31 -23.43 -2.96 3.87
CA THR D 31 -24.49 -3.61 3.11
C THR D 31 -25.83 -3.42 3.85
N THR D 32 -25.78 -2.77 5.02
CA THR D 32 -26.97 -2.49 5.80
C THR D 32 -27.57 -1.16 5.38
N SER D 33 -28.86 -1.14 5.05
CA SER D 33 -29.51 0.09 4.65
C SER D 33 -30.95 0.14 5.15
N TYR D 34 -31.33 -0.82 5.98
CA TYR D 34 -32.68 -0.90 6.51
C TYR D 34 -32.61 -1.62 7.86
N PRO D 35 -33.49 -1.28 8.81
CA PRO D 35 -34.55 -0.28 8.78
C PRO D 35 -33.96 1.12 8.93
N PRO D 36 -34.77 2.16 8.69
CA PRO D 36 -34.27 3.54 8.80
C PRO D 36 -33.53 3.90 10.09
N GLU D 37 -33.88 3.24 11.19
CA GLU D 37 -33.22 3.55 12.46
C GLU D 37 -31.76 3.09 12.54
N THR D 38 -31.19 2.67 11.41
CA THR D 38 -29.79 2.23 11.36
C THR D 38 -28.97 3.29 10.65
N ALA D 39 -29.66 4.24 10.03
CA ALA D 39 -28.99 5.31 9.30
C ALA D 39 -28.19 6.21 10.24
N LYS D 40 -28.58 6.27 11.50
CA LYS D 40 -27.86 7.09 12.46
C LYS D 40 -26.68 6.35 13.06
N LEU D 41 -26.68 5.02 12.89
CA LEU D 41 -25.59 4.19 13.39
C LEU D 41 -24.37 4.22 12.49
N PRO D 42 -23.18 3.89 13.03
CA PRO D 42 -21.93 3.87 12.28
C PRO D 42 -21.86 2.65 11.35
N HIS D 43 -21.52 2.89 10.08
CA HIS D 43 -21.38 1.81 9.10
C HIS D 43 -19.89 1.61 8.85
N ILE D 44 -19.39 0.45 9.22
CA ILE D 44 -17.97 0.17 9.08
C ILE D 44 -17.69 -1.16 8.39
N GLY D 45 -16.94 -1.10 7.30
CA GLY D 45 -16.58 -2.29 6.58
C GLY D 45 -17.71 -2.95 5.80
N TYR D 46 -17.43 -4.17 5.36
CA TYR D 46 -18.37 -4.99 4.62
C TYR D 46 -18.20 -6.36 5.25
N TRP D 47 -19.22 -7.21 5.17
CA TRP D 47 -19.05 -8.52 5.78
C TRP D 47 -17.92 -9.27 5.07
N LYS D 48 -17.70 -8.99 3.78
CA LYS D 48 -16.62 -9.63 3.05
C LYS D 48 -15.25 -8.98 3.25
N GLN D 49 -15.23 -7.81 3.90
CA GLN D 49 -13.97 -7.11 4.19
C GLN D 49 -14.10 -6.38 5.54
N LEU D 50 -14.16 -7.18 6.60
CA LEU D 50 -14.31 -6.66 7.96
C LEU D 50 -13.17 -5.78 8.45
N SER D 51 -13.51 -4.77 9.24
CA SER D 51 -12.51 -3.87 9.81
C SER D 51 -12.30 -4.19 11.28
N SER D 52 -11.13 -4.74 11.59
CA SER D 52 -10.79 -5.09 12.96
C SER D 52 -10.88 -3.84 13.84
N GLU D 53 -10.11 -2.82 13.49
CA GLU D 53 -10.10 -1.58 14.25
C GLU D 53 -11.46 -0.92 14.31
N GLY D 54 -12.10 -0.83 13.15
CA GLY D 54 -13.41 -0.23 13.07
C GLY D 54 -14.42 -0.90 13.98
N ILE D 55 -14.43 -2.23 13.97
CA ILE D 55 -15.37 -2.95 14.81
C ILE D 55 -15.06 -2.77 16.30
N LEU D 56 -13.79 -2.95 16.66
CA LEU D 56 -13.37 -2.82 18.05
C LEU D 56 -13.59 -1.42 18.60
N SER D 57 -13.48 -0.41 17.73
CA SER D 57 -13.67 0.98 18.15
C SER D 57 -15.08 1.18 18.68
N LEU D 58 -15.99 0.25 18.38
CA LEU D 58 -17.36 0.37 18.87
C LEU D 58 -17.57 -0.43 20.15
N ARG D 59 -16.49 -1.00 20.67
CA ARG D 59 -16.53 -1.78 21.90
C ARG D 59 -17.74 -2.71 21.96
N PRO D 60 -17.83 -3.63 20.99
CA PRO D 60 -18.94 -4.58 20.94
C PRO D 60 -18.82 -5.74 21.92
N ASP D 61 -19.96 -6.28 22.34
CA ASP D 61 -19.92 -7.44 23.23
C ASP D 61 -19.98 -8.64 22.29
N SER D 62 -20.60 -8.44 21.13
CA SER D 62 -20.69 -9.52 20.16
C SER D 62 -20.82 -9.01 18.73
N VAL D 63 -20.31 -9.81 17.80
CA VAL D 63 -20.39 -9.46 16.39
C VAL D 63 -21.17 -10.59 15.70
N ILE D 64 -22.13 -10.21 14.87
CA ILE D 64 -22.95 -11.20 14.17
C ILE D 64 -22.75 -11.02 12.68
N THR D 65 -22.35 -12.09 11.99
CA THR D 65 -22.14 -12.00 10.56
C THR D 65 -22.25 -13.37 9.88
N TRP D 66 -21.97 -13.42 8.59
CA TRP D 66 -22.05 -14.67 7.84
C TRP D 66 -20.83 -15.51 8.12
N GLN D 67 -21.00 -16.82 7.96
CA GLN D 67 -19.93 -17.77 8.20
C GLN D 67 -18.78 -17.58 7.24
N ASP D 68 -19.08 -17.13 6.03
CA ASP D 68 -18.04 -16.93 5.05
C ASP D 68 -17.57 -15.47 5.03
N ALA D 69 -17.84 -14.74 6.10
CA ALA D 69 -17.39 -13.35 6.18
C ALA D 69 -15.89 -13.40 6.40
N GLY D 70 -15.18 -12.34 6.03
CA GLY D 70 -13.73 -12.32 6.21
C GLY D 70 -13.14 -10.92 6.14
N PRO D 71 -11.80 -10.80 6.22
CA PRO D 71 -10.80 -11.85 6.38
C PRO D 71 -11.03 -12.67 7.65
N GLN D 72 -10.75 -13.96 7.58
CA GLN D 72 -10.95 -14.85 8.72
C GLN D 72 -10.13 -14.39 9.94
N ILE D 73 -8.91 -13.93 9.70
CA ILE D 73 -8.04 -13.47 10.78
C ILE D 73 -8.69 -12.36 11.61
N VAL D 74 -9.59 -11.59 11.00
CA VAL D 74 -10.27 -10.53 11.76
C VAL D 74 -11.22 -11.17 12.78
N LEU D 75 -11.95 -12.18 12.33
CA LEU D 75 -12.86 -12.83 13.25
C LEU D 75 -12.02 -13.40 14.39
N ASP D 76 -10.83 -13.90 14.06
CA ASP D 76 -9.94 -14.45 15.07
C ASP D 76 -9.53 -13.38 16.10
N GLN D 77 -9.08 -12.22 15.60
CA GLN D 77 -8.69 -11.13 16.49
C GLN D 77 -9.85 -10.77 17.39
N LEU D 78 -11.04 -10.64 16.83
CA LEU D 78 -12.21 -10.30 17.64
C LEU D 78 -12.38 -11.32 18.77
N ARG D 79 -12.29 -12.61 18.43
CA ARG D 79 -12.44 -13.63 19.47
C ARG D 79 -11.32 -13.55 20.51
N ALA D 80 -10.11 -13.25 20.05
CA ALA D 80 -8.97 -13.14 20.94
C ALA D 80 -9.19 -11.96 21.89
N GLN D 81 -9.94 -10.97 21.45
CA GLN D 81 -10.20 -9.82 22.31
C GLN D 81 -11.48 -9.99 23.10
N LYS D 82 -11.89 -11.24 23.28
CA LYS D 82 -13.07 -11.60 24.05
C LYS D 82 -14.40 -11.12 23.48
N VAL D 83 -14.46 -10.92 22.18
CA VAL D 83 -15.72 -10.52 21.57
C VAL D 83 -16.44 -11.78 21.09
N ASN D 84 -17.73 -11.87 21.43
CA ASN D 84 -18.58 -12.99 21.07
C ASN D 84 -18.90 -12.91 19.57
N VAL D 85 -18.27 -13.75 18.77
CA VAL D 85 -18.54 -13.74 17.33
C VAL D 85 -19.55 -14.84 16.98
N VAL D 86 -20.70 -14.43 16.44
CA VAL D 86 -21.75 -15.36 16.05
C VAL D 86 -21.83 -15.37 14.51
N THR D 87 -21.82 -16.55 13.91
CA THR D 87 -21.89 -16.61 12.45
C THR D 87 -22.98 -17.56 12.00
N LEU D 88 -23.61 -17.20 10.89
CA LEU D 88 -24.67 -18.03 10.33
C LEU D 88 -24.35 -18.39 8.89
N PRO D 89 -24.84 -19.56 8.42
CA PRO D 89 -24.60 -20.01 7.04
C PRO D 89 -25.45 -19.20 6.08
N ARG D 90 -24.79 -18.53 5.14
CA ARG D 90 -25.44 -17.71 4.13
C ARG D 90 -25.94 -18.55 2.95
N VAL D 91 -25.43 -19.76 2.85
CA VAL D 91 -25.81 -20.67 1.77
C VAL D 91 -26.28 -22.00 2.36
N PRO D 92 -27.29 -22.62 1.73
CA PRO D 92 -28.01 -22.20 0.52
C PRO D 92 -29.12 -21.17 0.78
N ALA D 93 -29.64 -20.60 -0.31
CA ALA D 93 -30.71 -19.62 -0.20
C ALA D 93 -32.05 -20.34 -0.24
N THR D 94 -32.38 -21.03 0.85
CA THR D 94 -33.65 -21.75 0.92
C THR D 94 -34.44 -21.23 2.12
N LEU D 95 -35.74 -21.47 2.13
CA LEU D 95 -36.57 -21.02 3.25
C LEU D 95 -36.18 -21.80 4.47
N GLU D 96 -35.89 -23.07 4.24
CA GLU D 96 -35.49 -23.99 5.29
C GLU D 96 -34.29 -23.39 6.03
N GLN D 97 -33.27 -22.96 5.28
CA GLN D 97 -32.07 -22.41 5.91
C GLN D 97 -32.34 -21.04 6.54
N MET D 98 -33.17 -20.24 5.90
CA MET D 98 -33.50 -18.92 6.46
C MET D 98 -34.22 -19.11 7.79
N TYR D 99 -35.17 -20.03 7.83
CA TYR D 99 -35.92 -20.28 9.07
C TYR D 99 -34.98 -20.76 10.18
N ALA D 100 -34.02 -21.61 9.82
CA ALA D 100 -33.05 -22.12 10.78
C ALA D 100 -32.20 -20.94 11.28
N ASN D 101 -31.75 -20.11 10.35
CA ASN D 101 -30.94 -18.96 10.74
C ASN D 101 -31.76 -18.08 11.68
N ILE D 102 -33.03 -17.84 11.34
CA ILE D 102 -33.88 -17.02 12.17
C ILE D 102 -33.93 -17.57 13.59
N ARG D 103 -34.18 -18.87 13.72
CA ARG D 103 -34.23 -19.49 15.03
C ARG D 103 -32.87 -19.47 15.73
N GLN D 104 -31.80 -19.75 14.99
CA GLN D 104 -30.47 -19.73 15.60
C GLN D 104 -30.20 -18.35 16.18
N LEU D 105 -30.56 -17.33 15.42
CA LEU D 105 -30.34 -15.94 15.82
C LEU D 105 -31.19 -15.54 17.05
N ALA D 106 -32.47 -15.85 17.00
CA ALA D 106 -33.40 -15.54 18.09
C ALA D 106 -32.94 -16.20 19.38
N LYS D 107 -32.56 -17.47 19.28
CA LYS D 107 -32.09 -18.23 20.43
C LYS D 107 -30.90 -17.49 21.05
N THR D 108 -29.95 -17.13 20.19
CA THR D 108 -28.75 -16.42 20.63
C THR D 108 -29.04 -15.04 21.21
N LEU D 109 -30.08 -14.39 20.70
CA LEU D 109 -30.43 -13.06 21.20
C LEU D 109 -31.32 -13.11 22.44
N GLN D 110 -31.58 -14.32 22.91
CA GLN D 110 -32.42 -14.53 24.10
C GLN D 110 -33.88 -14.21 23.85
N VAL D 111 -34.31 -14.33 22.60
CA VAL D 111 -35.70 -14.06 22.26
C VAL D 111 -36.24 -15.06 21.25
N PRO D 112 -36.15 -16.36 21.56
CA PRO D 112 -36.60 -17.46 20.69
C PRO D 112 -38.06 -17.40 20.27
N GLU D 113 -38.92 -16.90 21.16
CA GLU D 113 -40.34 -16.82 20.82
C GLU D 113 -40.54 -15.84 19.67
N GLN D 114 -39.77 -14.76 19.65
CA GLN D 114 -39.86 -13.77 18.59
C GLN D 114 -39.46 -14.42 17.26
N GLY D 115 -38.50 -15.34 17.30
CA GLY D 115 -38.06 -16.01 16.10
C GLY D 115 -39.14 -16.90 15.51
N ASP D 116 -39.84 -17.63 16.39
CA ASP D 116 -40.91 -18.50 15.93
C ASP D 116 -42.01 -17.68 15.29
N ALA D 117 -42.30 -16.53 15.88
CA ALA D 117 -43.36 -15.67 15.36
C ALA D 117 -43.02 -15.14 13.95
N LEU D 118 -41.77 -14.73 13.76
CA LEU D 118 -41.35 -14.21 12.47
C LEU D 118 -41.46 -15.30 11.40
N VAL D 119 -40.98 -16.50 11.72
CA VAL D 119 -41.05 -17.62 10.80
C VAL D 119 -42.52 -17.87 10.41
N THR D 120 -43.41 -17.91 11.41
CA THR D 120 -44.83 -18.13 11.20
C THR D 120 -45.41 -17.03 10.32
N GLN D 121 -45.09 -15.78 10.64
CA GLN D 121 -45.60 -14.65 9.88
C GLN D 121 -45.23 -14.76 8.38
N ILE D 122 -43.96 -15.00 8.09
CA ILE D 122 -43.47 -15.13 6.72
C ILE D 122 -44.08 -16.34 5.98
N ASN D 123 -44.00 -17.50 6.64
CA ASN D 123 -44.50 -18.74 6.04
C ASN D 123 -45.97 -18.64 5.64
N GLN D 124 -46.81 -18.06 6.49
CA GLN D 124 -48.23 -17.94 6.16
C GLN D 124 -48.42 -17.07 4.92
N ARG D 125 -47.68 -15.96 4.85
CA ARG D 125 -47.77 -15.05 3.70
C ARG D 125 -47.39 -15.79 2.41
N LEU D 126 -46.29 -16.54 2.49
CA LEU D 126 -45.80 -17.28 1.34
C LEU D 126 -46.69 -18.43 0.90
N GLU D 127 -47.33 -19.11 1.86
CA GLU D 127 -48.22 -20.21 1.52
C GLU D 127 -49.42 -19.65 0.78
N ARG D 128 -49.83 -18.44 1.15
CA ARG D 128 -50.94 -17.78 0.48
C ARG D 128 -50.60 -17.63 -0.99
N VAL D 129 -49.46 -17.03 -1.25
CA VAL D 129 -48.99 -16.82 -2.61
C VAL D 129 -48.94 -18.13 -3.38
N GLN D 130 -48.33 -19.16 -2.80
CA GLN D 130 -48.23 -20.45 -3.47
C GLN D 130 -49.58 -21.07 -3.81
N GLN D 131 -50.59 -20.77 -2.99
CA GLN D 131 -51.94 -21.27 -3.24
C GLN D 131 -52.39 -20.69 -4.58
N ASN D 132 -52.33 -19.36 -4.65
CA ASN D 132 -52.70 -18.61 -5.84
C ASN D 132 -51.94 -19.14 -7.06
N VAL D 133 -50.63 -19.35 -6.89
CA VAL D 133 -49.79 -19.84 -7.97
C VAL D 133 -50.27 -21.21 -8.43
N ALA D 134 -50.40 -22.14 -7.48
CA ALA D 134 -50.85 -23.49 -7.77
C ALA D 134 -51.95 -23.47 -8.81
N ALA D 135 -52.92 -22.57 -8.62
CA ALA D 135 -54.04 -22.45 -9.56
C ALA D 135 -53.50 -22.25 -10.98
N LYS D 136 -52.78 -21.15 -11.18
CA LYS D 136 -52.19 -20.84 -12.48
C LYS D 136 -51.46 -22.07 -13.02
N LYS D 137 -51.93 -22.62 -14.13
CA LYS D 137 -51.32 -23.80 -14.74
C LYS D 137 -50.01 -23.52 -15.45
N ALA D 138 -49.86 -22.31 -15.98
CA ALA D 138 -48.65 -21.94 -16.70
C ALA D 138 -47.69 -21.14 -15.82
N PRO D 139 -46.75 -21.84 -15.15
CA PRO D 139 -45.78 -21.15 -14.29
C PRO D 139 -44.89 -20.28 -15.17
N VAL D 140 -45.12 -18.97 -15.13
CA VAL D 140 -44.39 -18.00 -15.94
C VAL D 140 -42.88 -18.19 -15.97
N LYS D 141 -42.34 -18.32 -17.18
CA LYS D 141 -40.92 -18.48 -17.38
C LYS D 141 -40.30 -17.11 -17.26
N ALA D 142 -39.32 -16.98 -16.36
CA ALA D 142 -38.67 -15.71 -16.14
C ALA D 142 -37.17 -15.80 -15.95
N MET D 143 -36.55 -14.63 -15.81
CA MET D 143 -35.12 -14.52 -15.64
C MET D 143 -34.86 -13.21 -14.91
N PHE D 144 -33.85 -13.21 -14.05
CA PHE D 144 -33.51 -11.99 -13.33
C PHE D 144 -32.09 -11.59 -13.72
N ILE D 145 -31.94 -10.34 -14.12
CA ILE D 145 -30.63 -9.84 -14.53
C ILE D 145 -30.16 -8.79 -13.53
N LEU D 146 -28.93 -8.95 -13.06
CA LEU D 146 -28.35 -8.08 -12.06
C LEU D 146 -26.98 -7.56 -12.42
N SER D 147 -26.67 -6.40 -11.86
CA SER D 147 -25.37 -5.77 -12.00
C SER D 147 -24.98 -5.40 -10.56
N ALA D 148 -23.87 -5.93 -10.08
CA ALA D 148 -23.44 -5.64 -8.72
C ALA D 148 -21.93 -5.71 -8.58
N GLY D 149 -21.40 -4.90 -7.68
CA GLY D 149 -19.97 -4.86 -7.44
C GLY D 149 -19.22 -4.45 -8.68
N GLY D 150 -19.85 -3.61 -9.49
CA GLY D 150 -19.22 -3.15 -10.73
C GLY D 150 -19.06 -4.24 -11.77
N SER D 151 -19.85 -5.30 -11.66
CA SER D 151 -19.78 -6.39 -12.62
C SER D 151 -20.65 -6.13 -13.83
N ALA D 152 -20.35 -6.83 -14.91
CA ALA D 152 -21.11 -6.74 -16.14
C ALA D 152 -22.49 -7.30 -15.77
N PRO D 153 -23.52 -7.04 -16.60
CA PRO D 153 -24.83 -7.60 -16.24
C PRO D 153 -24.84 -9.11 -16.30
N GLN D 154 -25.38 -9.76 -15.27
CA GLN D 154 -25.42 -11.21 -15.21
C GLN D 154 -26.78 -11.77 -14.84
N VAL D 155 -27.04 -12.97 -15.34
CA VAL D 155 -28.29 -13.69 -15.10
C VAL D 155 -28.21 -14.53 -13.83
N ALA D 156 -29.21 -14.40 -12.97
CA ALA D 156 -29.21 -15.14 -11.71
C ALA D 156 -29.44 -16.64 -11.94
N GLY D 157 -28.49 -17.46 -11.52
CA GLY D 157 -28.64 -18.90 -11.70
C GLY D 157 -29.37 -19.56 -10.55
N LYS D 158 -29.48 -20.88 -10.62
CA LYS D 158 -30.13 -21.65 -9.56
C LYS D 158 -29.29 -21.46 -8.30
N GLY D 159 -29.91 -21.44 -7.14
CA GLY D 159 -29.12 -21.30 -5.94
C GLY D 159 -28.82 -19.86 -5.53
N SER D 160 -29.33 -18.91 -6.30
CA SER D 160 -29.13 -17.50 -5.98
C SER D 160 -30.36 -17.08 -5.17
N VAL D 161 -30.24 -16.00 -4.42
CA VAL D 161 -31.41 -15.54 -3.66
C VAL D 161 -32.51 -15.19 -4.68
N ALA D 162 -32.12 -14.46 -5.73
CA ALA D 162 -33.07 -14.07 -6.77
C ALA D 162 -33.87 -15.27 -7.28
N ASP D 163 -33.19 -16.38 -7.49
CA ASP D 163 -33.86 -17.59 -7.98
C ASP D 163 -34.93 -18.07 -7.00
N ALA D 164 -34.61 -18.08 -5.71
CA ALA D 164 -35.57 -18.53 -4.70
C ALA D 164 -36.79 -17.62 -4.67
N ILE D 165 -36.55 -16.32 -4.79
CA ILE D 165 -37.62 -15.34 -4.76
C ILE D 165 -38.54 -15.48 -5.97
N LEU D 166 -37.96 -15.70 -7.14
CA LEU D 166 -38.76 -15.88 -8.35
C LEU D 166 -39.65 -17.10 -8.14
N SER D 167 -39.01 -18.20 -7.77
CA SER D 167 -39.71 -19.46 -7.54
C SER D 167 -40.91 -19.29 -6.59
N LEU D 168 -40.67 -18.67 -5.44
CA LEU D 168 -41.73 -18.45 -4.46
C LEU D 168 -42.84 -17.55 -5.01
N ALA D 169 -42.51 -16.74 -6.01
CA ALA D 169 -43.51 -15.84 -6.59
C ALA D 169 -44.34 -16.52 -7.67
N GLY D 170 -43.88 -17.68 -8.13
CA GLY D 170 -44.61 -18.42 -9.13
C GLY D 170 -43.86 -18.54 -10.45
N ALA D 171 -42.75 -17.81 -10.57
CA ALA D 171 -41.96 -17.84 -11.79
C ALA D 171 -41.12 -19.10 -11.93
N GLU D 172 -40.74 -19.38 -13.17
CA GLU D 172 -39.88 -20.51 -13.49
C GLU D 172 -38.61 -19.87 -14.05
N ASN D 173 -37.48 -20.04 -13.36
CA ASN D 173 -36.23 -19.46 -13.80
C ASN D 173 -35.64 -20.29 -14.94
N VAL D 174 -35.36 -19.65 -16.06
CA VAL D 174 -34.81 -20.34 -17.21
C VAL D 174 -33.31 -20.48 -17.16
N ALA D 175 -32.66 -19.82 -16.19
CA ALA D 175 -31.21 -19.91 -16.07
C ALA D 175 -30.86 -21.39 -15.86
N THR D 176 -29.69 -21.80 -16.34
CA THR D 176 -29.28 -23.19 -16.18
C THR D 176 -28.14 -23.37 -15.18
N HIS D 177 -27.20 -22.42 -15.15
CA HIS D 177 -26.08 -22.53 -14.24
C HIS D 177 -26.56 -22.27 -12.82
N GLN D 178 -25.68 -22.55 -11.87
CA GLN D 178 -25.93 -22.28 -10.47
C GLN D 178 -25.29 -20.90 -10.37
N GLN D 179 -25.80 -20.03 -9.50
CA GLN D 179 -25.18 -18.70 -9.39
C GLN D 179 -25.07 -17.89 -10.71
N TYR D 180 -24.67 -16.63 -10.59
CA TYR D 180 -24.57 -15.70 -11.70
C TYR D 180 -23.59 -15.96 -12.87
N LYS D 181 -24.08 -15.69 -14.09
CA LYS D 181 -23.28 -15.86 -15.31
C LYS D 181 -23.62 -14.76 -16.31
N SER D 182 -22.61 -14.30 -17.06
CA SER D 182 -22.83 -13.29 -18.07
C SER D 182 -23.29 -14.00 -19.35
N TYR D 183 -24.42 -13.58 -19.88
CA TYR D 183 -24.96 -14.17 -21.10
C TYR D 183 -24.64 -13.34 -22.33
N SER D 184 -24.26 -14.00 -23.42
CA SER D 184 -24.01 -13.30 -24.67
C SER D 184 -25.42 -13.03 -25.20
N ALA D 185 -25.55 -12.14 -26.18
CA ALA D 185 -26.86 -11.83 -26.72
C ALA D 185 -27.58 -13.10 -27.17
N GLU D 186 -26.84 -13.96 -27.85
CA GLU D 186 -27.38 -15.21 -28.38
C GLU D 186 -27.99 -16.09 -27.29
N SER D 187 -27.30 -16.20 -26.17
CA SER D 187 -27.79 -17.02 -25.07
C SER D 187 -29.02 -16.43 -24.41
N LEU D 188 -29.09 -15.11 -24.33
CA LEU D 188 -30.23 -14.45 -23.71
C LEU D 188 -31.48 -14.60 -24.57
N ILE D 189 -31.33 -14.41 -25.87
CA ILE D 189 -32.43 -14.52 -26.82
C ILE D 189 -32.90 -15.98 -26.84
N ALA D 190 -31.94 -16.90 -26.86
CA ALA D 190 -32.22 -18.33 -26.87
C ALA D 190 -32.99 -18.77 -25.64
N ALA D 191 -32.65 -18.20 -24.48
CA ALA D 191 -33.34 -18.56 -23.24
C ALA D 191 -34.82 -18.24 -23.37
N ASN D 192 -35.11 -17.19 -24.14
CA ASN D 192 -36.48 -16.75 -24.39
C ASN D 192 -37.43 -16.83 -23.20
N PRO D 193 -37.29 -15.90 -22.24
CA PRO D 193 -38.19 -15.92 -21.08
C PRO D 193 -39.39 -15.02 -21.37
N GLU D 194 -40.55 -15.35 -20.81
CA GLU D 194 -41.74 -14.54 -21.02
C GLU D 194 -41.56 -13.17 -20.37
N VAL D 195 -40.97 -13.18 -19.18
CA VAL D 195 -40.74 -11.96 -18.41
C VAL D 195 -39.28 -11.86 -17.99
N ILE D 196 -38.80 -10.64 -17.83
CA ILE D 196 -37.43 -10.38 -17.39
C ILE D 196 -37.50 -9.39 -16.24
N VAL D 197 -36.85 -9.72 -15.14
CA VAL D 197 -36.84 -8.85 -13.97
C VAL D 197 -35.48 -8.20 -13.80
N VAL D 198 -35.49 -6.90 -13.51
CA VAL D 198 -34.26 -6.17 -13.31
C VAL D 198 -34.42 -5.23 -12.11
N THR D 199 -33.32 -4.67 -11.63
CA THR D 199 -33.37 -3.78 -10.50
C THR D 199 -33.94 -2.41 -10.88
N SER D 200 -34.60 -1.76 -9.92
CA SER D 200 -35.15 -0.45 -10.16
C SER D 200 -33.99 0.54 -10.27
N GLN D 201 -32.84 0.13 -9.74
CA GLN D 201 -31.63 0.94 -9.77
C GLN D 201 -30.97 0.91 -11.15
N MET D 202 -31.11 -0.20 -11.85
CA MET D 202 -30.51 -0.33 -13.18
C MET D 202 -31.36 0.41 -14.22
N VAL D 203 -32.66 0.47 -13.97
CA VAL D 203 -33.59 1.14 -14.87
C VAL D 203 -33.61 2.65 -14.64
N ASP D 204 -33.72 3.05 -13.37
CA ASP D 204 -33.78 4.46 -13.04
C ASP D 204 -35.07 5.01 -13.66
N GLY D 205 -34.96 6.10 -14.41
CA GLY D 205 -36.13 6.66 -15.05
C GLY D 205 -36.08 6.49 -16.55
N ASP D 206 -35.22 5.61 -17.04
CA ASP D 206 -35.09 5.39 -18.47
C ASP D 206 -34.77 3.94 -18.86
N ILE D 207 -35.82 3.23 -19.26
CA ILE D 207 -35.71 1.84 -19.67
C ILE D 207 -34.65 1.65 -20.77
N ASN D 208 -34.36 2.71 -21.51
CA ASN D 208 -33.36 2.63 -22.57
C ASN D 208 -31.95 2.38 -22.04
N ARG D 209 -31.72 2.65 -20.77
CA ARG D 209 -30.41 2.41 -20.18
C ARG D 209 -30.05 0.93 -20.25
N LEU D 210 -31.06 0.08 -20.41
CA LEU D 210 -30.85 -1.37 -20.48
C LEU D 210 -30.39 -1.81 -21.86
N ARG D 211 -30.32 -0.87 -22.79
CA ARG D 211 -29.93 -1.23 -24.14
C ARG D 211 -28.52 -1.77 -24.27
N SER D 212 -27.71 -1.60 -23.23
CA SER D 212 -26.33 -2.10 -23.24
C SER D 212 -26.20 -3.57 -22.77
N ILE D 213 -27.31 -4.18 -22.35
CA ILE D 213 -27.28 -5.59 -21.92
C ILE D 213 -27.41 -6.42 -23.18
N ALA D 214 -26.37 -7.16 -23.54
CA ALA D 214 -26.39 -7.94 -24.77
C ALA D 214 -27.65 -8.78 -24.98
N GLY D 215 -28.30 -8.57 -26.13
CA GLY D 215 -29.50 -9.30 -26.50
C GLY D 215 -30.85 -8.95 -25.91
N ILE D 216 -30.88 -8.27 -24.78
CA ILE D 216 -32.17 -7.99 -24.15
C ILE D 216 -33.18 -7.32 -25.06
N THR D 217 -32.70 -6.50 -25.97
CA THR D 217 -33.58 -5.80 -26.88
C THR D 217 -34.26 -6.71 -27.90
N HIS D 218 -33.76 -7.93 -28.07
CA HIS D 218 -34.35 -8.86 -29.03
C HIS D 218 -35.09 -9.99 -28.37
N THR D 219 -35.42 -9.82 -27.10
CA THR D 219 -36.13 -10.86 -26.39
C THR D 219 -37.62 -10.59 -26.47
N ALA D 220 -38.40 -11.64 -26.24
CA ALA D 220 -39.86 -11.53 -26.27
C ALA D 220 -40.31 -10.59 -25.17
N ALA D 221 -39.69 -10.72 -23.99
CA ALA D 221 -40.04 -9.90 -22.85
C ALA D 221 -39.92 -8.41 -23.16
N TRP D 222 -38.85 -8.02 -23.83
CA TRP D 222 -38.65 -6.62 -24.18
C TRP D 222 -39.70 -6.20 -25.20
N LYS D 223 -39.90 -7.03 -26.23
CA LYS D 223 -40.86 -6.76 -27.28
C LYS D 223 -42.26 -6.61 -26.71
N ASN D 224 -42.67 -7.60 -25.92
CA ASN D 224 -43.99 -7.62 -25.29
C ASN D 224 -44.07 -6.69 -24.08
N GLN D 225 -43.00 -5.94 -23.85
CA GLN D 225 -42.96 -5.01 -22.72
C GLN D 225 -43.22 -5.74 -21.40
N ARG D 226 -42.60 -6.89 -21.23
CA ARG D 226 -42.73 -7.69 -20.02
C ARG D 226 -41.47 -7.59 -19.16
N ILE D 227 -41.02 -6.37 -18.91
CA ILE D 227 -39.83 -6.15 -18.09
C ILE D 227 -40.28 -5.61 -16.74
N ILE D 228 -40.14 -6.45 -15.72
CA ILE D 228 -40.53 -6.10 -14.36
C ILE D 228 -39.33 -5.53 -13.59
N THR D 229 -39.62 -4.66 -12.63
CA THR D 229 -38.59 -4.03 -11.82
C THR D 229 -38.74 -4.32 -10.33
N VAL D 230 -37.62 -4.49 -9.65
CA VAL D 230 -37.63 -4.74 -8.21
C VAL D 230 -36.46 -4.05 -7.56
N ASP D 231 -36.66 -3.58 -6.34
CA ASP D 231 -35.60 -2.91 -5.59
C ASP D 231 -34.45 -3.89 -5.38
N GLN D 232 -33.25 -3.50 -5.79
CA GLN D 232 -32.09 -4.36 -5.67
C GLN D 232 -31.78 -4.86 -4.26
N ASN D 233 -31.99 -4.02 -3.25
CA ASN D 233 -31.70 -4.46 -1.89
C ASN D 233 -32.82 -5.30 -1.28
N LEU D 234 -33.58 -6.00 -2.13
CA LEU D 234 -34.67 -6.87 -1.69
C LEU D 234 -34.52 -8.25 -2.32
N ILE D 235 -33.55 -8.41 -3.22
CA ILE D 235 -33.33 -9.69 -3.89
C ILE D 235 -31.90 -10.20 -3.78
N LEU D 236 -31.11 -9.63 -2.89
CA LEU D 236 -29.73 -10.07 -2.70
C LEU D 236 -29.59 -10.85 -1.38
N GLY D 237 -30.60 -10.77 -0.54
CA GLY D 237 -30.57 -11.47 0.73
C GLY D 237 -31.97 -11.89 1.15
N MET D 238 -32.06 -12.89 2.02
CA MET D 238 -33.37 -13.35 2.48
C MET D 238 -33.65 -12.84 3.89
N GLY D 239 -34.36 -11.72 3.98
CA GLY D 239 -34.67 -11.14 5.27
C GLY D 239 -36.15 -11.09 5.58
N PRO D 240 -36.52 -10.40 6.68
CA PRO D 240 -37.90 -10.23 7.16
C PRO D 240 -38.89 -9.70 6.14
N ARG D 241 -38.39 -9.11 5.06
CA ARG D 241 -39.30 -8.56 4.07
C ARG D 241 -39.48 -9.45 2.85
N ILE D 242 -38.97 -10.68 2.91
CA ILE D 242 -39.08 -11.55 1.75
C ILE D 242 -40.53 -11.69 1.26
N ALA D 243 -41.51 -11.60 2.16
CA ALA D 243 -42.89 -11.72 1.73
C ALA D 243 -43.33 -10.51 0.91
N ASP D 244 -42.92 -9.32 1.32
CA ASP D 244 -43.26 -8.11 0.59
C ASP D 244 -42.85 -8.20 -0.88
N VAL D 245 -41.60 -8.60 -1.13
CA VAL D 245 -41.13 -8.71 -2.50
C VAL D 245 -41.76 -9.87 -3.27
N VAL D 246 -42.00 -10.98 -2.59
CA VAL D 246 -42.60 -12.13 -3.24
C VAL D 246 -44.02 -11.79 -3.71
N GLU D 247 -44.80 -11.20 -2.81
CA GLU D 247 -46.17 -10.83 -3.13
C GLU D 247 -46.17 -9.81 -4.25
N SER D 248 -45.28 -8.83 -4.16
CA SER D 248 -45.17 -7.81 -5.19
C SER D 248 -44.80 -8.42 -6.53
N LEU D 249 -43.76 -9.24 -6.54
CA LEU D 249 -43.33 -9.87 -7.77
C LEU D 249 -44.46 -10.72 -8.35
N HIS D 250 -45.13 -11.48 -7.50
CA HIS D 250 -46.21 -12.34 -7.94
C HIS D 250 -47.32 -11.59 -8.69
N GLN D 251 -47.68 -10.40 -8.19
CA GLN D 251 -48.71 -9.61 -8.84
C GLN D 251 -48.30 -9.18 -10.24
N GLN D 252 -47.09 -8.63 -10.36
CA GLN D 252 -46.58 -8.17 -11.66
C GLN D 252 -46.45 -9.32 -12.66
N LEU D 253 -46.33 -10.55 -12.16
CA LEU D 253 -46.22 -11.71 -13.02
C LEU D 253 -47.61 -12.11 -13.51
N TRP D 254 -48.64 -11.59 -12.84
CA TRP D 254 -50.03 -11.87 -13.16
C TRP D 254 -50.91 -10.65 -12.83
N PRO D 255 -50.84 -9.60 -13.67
CA PRO D 255 -51.62 -8.37 -13.48
C PRO D 255 -53.12 -8.58 -13.64
N GLN D 256 -53.91 -7.76 -12.93
CA GLN D 256 -55.37 -7.83 -12.97
C GLN D 256 -55.89 -9.26 -13.07
#